data_5ULM
#
_entry.id   5ULM
#
_cell.length_a   74.234
_cell.length_b   57.117
_cell.length_c   103.575
_cell.angle_alpha   90.00
_cell.angle_beta   104.87
_cell.angle_gamma   90.00
#
_symmetry.space_group_name_H-M   'P 1 21 1'
#
loop_
_entity.id
_entity.type
_entity.pdbx_description
1 polymer 'Mitogen-activated protein kinase kinase kinase 5'
2 non-polymer GLYCEROL
3 water water
#
_entity_poly.entity_id   1
_entity_poly.type   'polypeptide(L)'
_entity_poly.pdbx_seq_one_letter_code
;GPGSQYFRESILNDIRKARNLYTGKELAAELARIRQRVDNIEVLTADIVINLLLSYRDIQDYDSIVKLVETLEKLPTFDL
ASHHHVKFHYAFALNRRNLPGDRAKALDIMIPMVQSEGQVASDMYCLVGRIYKDMFLDSNFTDTESRDHGASWFKKAFES
EPTLQSGINYAVLLLAAGHQFESSFELRKVGVKLSSLLGKKGNLEKLQSYWEVGFFLGASVLANDHMRVIQASEKLFKLK
TPAWYLKSIVETILIYKHFVKLTTEQPVAKQELVDFWMDFLVEATKTDVTVVRFPVLILEPTKIYQPSYLSINNEVEEKT
ISIWHVLPDDKKGIHEWNFSASSVRGVSISKFEERCCFLYVLHNSDDFQIYFCTELHCKKFFEMVNTITEEKG
;
_entity_poly.pdbx_strand_id   A,B
#
loop_
_chem_comp.id
_chem_comp.type
_chem_comp.name
_chem_comp.formula
GOL non-polymer GLYCEROL 'C3 H8 O3'
#
# COMPACT_ATOMS: atom_id res chain seq x y z
N PHE A 7 -4.70 -3.93 31.22
CA PHE A 7 -3.84 -4.56 30.19
C PHE A 7 -4.67 -5.61 29.45
N ARG A 8 -5.34 -6.50 30.18
CA ARG A 8 -6.33 -7.42 29.61
C ARG A 8 -7.44 -6.65 28.89
N GLU A 9 -8.02 -5.68 29.59
CA GLU A 9 -9.16 -4.90 29.11
C GLU A 9 -8.79 -4.13 27.85
N SER A 10 -7.56 -3.58 27.84
CA SER A 10 -6.99 -2.89 26.68
C SER A 10 -6.90 -3.77 25.44
N ILE A 11 -6.45 -5.00 25.62
CA ILE A 11 -6.33 -5.96 24.51
C ILE A 11 -7.73 -6.28 24.00
N LEU A 12 -8.65 -6.57 24.91
CA LEU A 12 -10.02 -6.88 24.50
C LEU A 12 -10.66 -5.72 23.73
N ASN A 13 -10.49 -4.50 24.23
CA ASN A 13 -11.13 -3.32 23.61
C ASN A 13 -10.58 -3.07 22.21
N ASP A 14 -9.28 -3.30 22.04
CA ASP A 14 -8.62 -3.11 20.75
C ASP A 14 -8.94 -4.21 19.72
N ILE A 15 -9.16 -5.43 20.17
CA ILE A 15 -9.63 -6.48 19.27
C ILE A 15 -11.02 -6.14 18.74
N ARG A 16 -11.91 -5.67 19.63
CA ARG A 16 -13.28 -5.34 19.25
C ARG A 16 -13.29 -4.17 18.28
N LYS A 17 -12.52 -3.13 18.59
CA LYS A 17 -12.36 -1.97 17.68
C LYS A 17 -11.79 -2.43 16.33
N ALA A 18 -10.76 -3.28 16.36
CA ALA A 18 -10.16 -3.87 15.16
C ALA A 18 -11.21 -4.57 14.26
N ARG A 19 -12.02 -5.44 14.87
CA ARG A 19 -13.08 -6.17 14.13
C ARG A 19 -14.11 -5.24 13.52
N ASN A 20 -14.35 -4.09 14.17
CA ASN A 20 -15.25 -3.08 13.63
C ASN A 20 -14.64 -2.23 12.51
N LEU A 21 -13.41 -1.77 12.70
CA LEU A 21 -12.79 -0.84 11.75
C LEU A 21 -12.33 -1.55 10.46
N TYR A 22 -11.72 -2.71 10.62
CA TYR A 22 -10.98 -3.35 9.52
C TYR A 22 -11.57 -4.66 9.05
N THR A 23 -11.33 -4.95 7.78
CA THR A 23 -11.55 -6.26 7.19
C THR A 23 -10.29 -6.63 6.36
N GLY A 24 -10.27 -7.83 5.77
CA GLY A 24 -9.24 -8.21 4.80
C GLY A 24 -7.82 -8.12 5.32
N LYS A 25 -6.89 -7.71 4.47
CA LYS A 25 -5.47 -7.54 4.86
C LYS A 25 -5.28 -6.54 5.99
N GLU A 26 -6.08 -5.48 5.94
CA GLU A 26 -6.00 -4.37 6.90
C GLU A 26 -6.28 -4.89 8.30
N LEU A 27 -7.27 -5.77 8.45
CA LEU A 27 -7.53 -6.46 9.76
C LEU A 27 -6.40 -7.37 10.20
N ALA A 28 -5.82 -8.13 9.28
CA ALA A 28 -4.71 -9.02 9.62
C ALA A 28 -3.50 -8.26 10.17
N ALA A 29 -3.18 -7.10 9.59
CA ALA A 29 -2.12 -6.21 10.09
C ALA A 29 -2.40 -5.82 11.53
N GLU A 30 -3.63 -5.35 11.79
CA GLU A 30 -4.02 -4.91 13.14
C GLU A 30 -3.94 -6.03 14.19
N LEU A 31 -4.38 -7.24 13.83
CA LEU A 31 -4.29 -8.39 14.72
C LEU A 31 -2.85 -8.81 15.03
N ALA A 32 -1.97 -8.73 14.05
CA ALA A 32 -0.54 -9.02 14.25
C ALA A 32 0.12 -7.97 15.19
N ARG A 33 -0.35 -6.74 15.14
CA ARG A 33 0.09 -5.69 16.07
C ARG A 33 -0.40 -6.01 17.48
N ILE A 34 -1.66 -6.40 17.61
CA ILE A 34 -2.24 -6.79 18.89
C ILE A 34 -1.59 -8.08 19.42
N ARG A 35 -1.16 -8.98 18.53
CA ARG A 35 -0.49 -10.23 18.93
C ARG A 35 0.83 -10.06 19.69
N GLN A 36 1.65 -9.12 19.25
CA GLN A 36 2.88 -8.75 19.98
C GLN A 36 2.61 -8.58 21.46
N ARG A 37 1.58 -7.79 21.78
CA ARG A 37 1.14 -7.62 23.16
C ARG A 37 0.63 -8.95 23.73
N VAL A 38 -0.31 -9.61 23.03
CA VAL A 38 -0.89 -10.89 23.49
C VAL A 38 0.18 -11.96 23.83
N ASP A 39 1.23 -12.02 23.03
CA ASP A 39 2.28 -13.00 23.20
C ASP A 39 3.30 -12.60 24.25
N ASN A 40 3.08 -11.49 24.95
CA ASN A 40 3.89 -11.11 26.08
C ASN A 40 3.09 -10.92 27.38
N ILE A 41 1.81 -11.30 27.40
CA ILE A 41 0.93 -11.00 28.54
C ILE A 41 1.25 -11.88 29.74
N GLU A 42 1.16 -11.27 30.93
CA GLU A 42 1.48 -11.91 32.22
C GLU A 42 0.75 -13.26 32.41
N VAL A 43 -0.56 -13.25 32.20
CA VAL A 43 -1.37 -14.49 32.07
C VAL A 43 -2.31 -14.32 30.88
N LEU A 44 -2.37 -15.33 30.01
CA LEU A 44 -3.23 -15.28 28.83
C LEU A 44 -4.56 -15.97 29.13
N THR A 45 -5.62 -15.18 29.29
CA THR A 45 -6.95 -15.68 29.63
C THR A 45 -7.76 -16.12 28.41
N ALA A 46 -8.85 -16.82 28.69
CA ALA A 46 -9.71 -17.41 27.65
C ALA A 46 -10.54 -16.36 26.90
N ASP A 47 -10.94 -15.28 27.58
CA ASP A 47 -11.62 -14.15 26.92
C ASP A 47 -10.81 -13.55 25.76
N ILE A 48 -9.51 -13.37 25.99
CA ILE A 48 -8.59 -12.87 24.96
C ILE A 48 -8.47 -13.87 23.81
N VAL A 49 -8.23 -15.13 24.18
CA VAL A 49 -8.10 -16.20 23.21
C VAL A 49 -9.33 -16.25 22.30
N ILE A 50 -10.52 -16.37 22.91
CA ILE A 50 -11.80 -16.47 22.15
C ILE A 50 -11.97 -15.32 21.15
N ASN A 51 -11.73 -14.10 21.58
CA ASN A 51 -11.95 -12.95 20.72
C ASN A 51 -10.88 -12.81 19.66
N LEU A 52 -9.68 -13.32 19.94
CA LEU A 52 -8.68 -13.51 18.90
C LEU A 52 -9.15 -14.50 17.82
N LEU A 53 -9.67 -15.65 18.26
CA LEU A 53 -10.11 -16.69 17.32
C LEU A 53 -11.28 -16.21 16.47
N LEU A 54 -12.20 -15.46 17.06
CA LEU A 54 -13.30 -14.86 16.27
C LEU A 54 -12.78 -13.84 15.23
N SER A 55 -11.81 -13.01 15.61
CA SER A 55 -11.22 -12.05 14.70
C SER A 55 -10.46 -12.73 13.53
N TYR A 56 -9.68 -13.76 13.82
CA TYR A 56 -9.08 -14.55 12.73
C TYR A 56 -10.12 -15.25 11.84
N ARG A 57 -11.23 -15.68 12.42
CA ARG A 57 -12.24 -16.32 11.63
C ARG A 57 -12.85 -15.31 10.65
N ASP A 58 -12.98 -14.05 11.04
CA ASP A 58 -13.52 -12.97 10.14
C ASP A 58 -12.82 -12.82 8.80
N ILE A 59 -11.55 -13.18 8.74
CA ILE A 59 -10.73 -13.25 7.54
C ILE A 59 -10.32 -14.69 7.17
N GLN A 60 -11.04 -15.68 7.65
CA GLN A 60 -10.75 -17.09 7.36
C GLN A 60 -9.26 -17.44 7.50
N ASP A 61 -8.63 -16.97 8.58
CA ASP A 61 -7.22 -17.29 8.86
C ASP A 61 -7.16 -18.49 9.81
N TYR A 62 -7.44 -19.66 9.25
CA TYR A 62 -7.58 -20.86 10.07
C TYR A 62 -6.24 -21.35 10.57
N ASP A 63 -5.20 -21.15 9.75
CA ASP A 63 -3.81 -21.47 10.15
C ASP A 63 -3.38 -20.71 11.45
N SER A 64 -3.69 -19.40 11.55
CA SER A 64 -3.39 -18.66 12.79
C SER A 64 -4.17 -19.19 13.98
N ILE A 65 -5.42 -19.57 13.76
CA ILE A 65 -6.22 -20.12 14.83
C ILE A 65 -5.59 -21.39 15.34
N VAL A 66 -5.19 -22.28 14.42
CA VAL A 66 -4.65 -23.60 14.80
C VAL A 66 -3.34 -23.45 15.56
N LYS A 67 -2.45 -22.62 15.00
CA LYS A 67 -1.15 -22.36 15.63
C LYS A 67 -1.24 -21.71 17.01
N LEU A 68 -2.17 -20.78 17.20
CA LEU A 68 -2.41 -20.20 18.55
C LEU A 68 -2.91 -21.25 19.53
N VAL A 69 -3.93 -22.01 19.15
CA VAL A 69 -4.50 -23.01 20.05
C VAL A 69 -3.47 -24.13 20.38
N GLU A 70 -2.65 -24.52 19.42
CA GLU A 70 -1.55 -25.50 19.68
C GLU A 70 -0.53 -25.00 20.70
N THR A 71 -0.20 -23.71 20.62
CA THR A 71 0.71 -23.11 21.60
C THR A 71 0.10 -23.06 23.02
N LEU A 72 -1.22 -22.92 23.13
CA LEU A 72 -1.89 -23.00 24.45
C LEU A 72 -1.89 -24.42 25.02
N GLU A 73 -1.97 -25.43 24.15
CA GLU A 73 -1.88 -26.82 24.58
C GLU A 73 -0.51 -27.15 25.22
N LYS A 74 0.57 -26.52 24.75
CA LYS A 74 1.90 -26.73 25.33
C LYS A 74 2.14 -25.83 26.57
N LEU A 75 1.54 -24.64 26.59
CA LEU A 75 1.63 -23.76 27.78
C LEU A 75 1.00 -24.54 28.92
N PRO A 76 1.84 -24.99 29.89
CA PRO A 76 1.33 -25.94 30.89
C PRO A 76 0.19 -25.47 31.68
N THR A 77 -0.01 -24.13 31.94
CA THR A 77 -0.97 -23.56 32.91
C THR A 77 -2.26 -23.10 32.27
N PHE A 78 -2.34 -23.18 30.93
CA PHE A 78 -3.63 -23.07 30.28
C PHE A 78 -4.12 -24.53 30.21
N ASP A 79 -5.31 -24.76 30.81
CA ASP A 79 -6.00 -26.04 30.72
C ASP A 79 -7.01 -26.03 29.55
N LEU A 80 -6.53 -26.41 28.37
CA LEU A 80 -7.37 -26.41 27.16
C LEU A 80 -8.58 -27.33 27.30
N ALA A 81 -8.39 -28.48 27.94
CA ALA A 81 -9.47 -29.46 28.12
C ALA A 81 -10.74 -28.86 28.72
N SER A 82 -10.56 -27.91 29.66
CA SER A 82 -11.65 -27.24 30.34
C SER A 82 -12.33 -26.12 29.55
N HIS A 83 -11.75 -25.72 28.42
CA HIS A 83 -12.28 -24.60 27.64
C HIS A 83 -12.94 -25.11 26.37
N HIS A 84 -14.19 -25.57 26.52
CA HIS A 84 -14.89 -26.29 25.45
C HIS A 84 -15.14 -25.44 24.19
N HIS A 85 -15.40 -24.15 24.39
CA HIS A 85 -15.62 -23.23 23.26
C HIS A 85 -14.35 -22.96 22.47
N VAL A 86 -13.21 -22.88 23.16
CA VAL A 86 -11.91 -22.76 22.49
C VAL A 86 -11.65 -24.04 21.68
N LYS A 87 -11.93 -25.20 22.26
CA LYS A 87 -11.76 -26.46 21.54
C LYS A 87 -12.69 -26.53 20.33
N PHE A 88 -13.91 -26.00 20.46
CA PHE A 88 -14.87 -25.93 19.34
C PHE A 88 -14.26 -25.16 18.19
N HIS A 89 -13.78 -23.95 18.45
CA HIS A 89 -13.18 -23.12 17.40
C HIS A 89 -11.91 -23.72 16.80
N TYR A 90 -11.17 -24.46 17.62
CA TYR A 90 -9.93 -25.15 17.20
C TYR A 90 -10.26 -26.23 16.16
N ALA A 91 -11.26 -27.06 16.50
CA ALA A 91 -11.72 -28.13 15.62
C ALA A 91 -12.30 -27.55 14.32
N PHE A 92 -13.08 -26.48 14.46
CA PHE A 92 -13.65 -25.75 13.32
C PHE A 92 -12.53 -25.31 12.37
N ALA A 93 -11.49 -24.70 12.94
CA ALA A 93 -10.35 -24.25 12.16
C ALA A 93 -9.55 -25.41 11.55
N LEU A 94 -9.36 -26.49 12.32
CA LEU A 94 -8.69 -27.68 11.77
C LEU A 94 -9.46 -28.21 10.56
N ASN A 95 -10.78 -28.32 10.69
CA ASN A 95 -11.60 -28.81 9.60
C ASN A 95 -11.53 -27.92 8.32
N ARG A 96 -11.52 -26.60 8.49
CA ARG A 96 -11.39 -25.72 7.33
C ARG A 96 -9.95 -25.73 6.78
N ARG A 97 -8.93 -25.86 7.64
CA ARG A 97 -7.53 -25.86 7.15
C ARG A 97 -7.23 -27.15 6.38
N ASN A 98 -7.59 -28.29 6.95
CA ASN A 98 -7.60 -29.55 6.24
C ASN A 98 -6.21 -29.96 5.66
N LEU A 99 -5.14 -29.69 6.39
CA LEU A 99 -3.85 -30.29 6.09
C LEU A 99 -3.91 -31.79 6.46
N PRO A 100 -2.97 -32.62 5.98
CA PRO A 100 -2.98 -34.04 6.37
C PRO A 100 -3.10 -34.25 7.90
N GLY A 101 -4.19 -34.89 8.33
CA GLY A 101 -4.44 -35.15 9.75
C GLY A 101 -5.28 -34.14 10.48
N ASP A 102 -5.57 -32.99 9.86
CA ASP A 102 -6.34 -31.93 10.52
C ASP A 102 -7.76 -32.43 10.87
N ARG A 103 -8.47 -32.98 9.89
CA ARG A 103 -9.84 -33.48 10.14
C ARG A 103 -9.90 -34.66 11.12
N ALA A 104 -8.90 -35.53 11.07
CA ALA A 104 -8.82 -36.61 12.05
C ALA A 104 -8.70 -36.04 13.46
N LYS A 105 -7.85 -35.02 13.63
CA LYS A 105 -7.65 -34.40 14.94
C LYS A 105 -8.90 -33.67 15.41
N ALA A 106 -9.60 -33.01 14.49
CA ALA A 106 -10.84 -32.30 14.82
C ALA A 106 -11.88 -33.26 15.36
N LEU A 107 -12.02 -34.43 14.73
CA LEU A 107 -12.97 -35.43 15.18
C LEU A 107 -12.54 -36.00 16.55
N ASP A 108 -11.22 -36.21 16.73
CA ASP A 108 -10.69 -36.69 18.03
C ASP A 108 -10.89 -35.66 19.14
N ILE A 109 -10.99 -34.38 18.80
CA ILE A 109 -11.33 -33.34 19.78
C ILE A 109 -12.84 -33.36 20.05
N MET A 110 -13.63 -33.26 18.98
CA MET A 110 -15.08 -33.11 19.09
C MET A 110 -15.87 -34.33 19.60
N ILE A 111 -15.53 -35.53 19.14
CA ILE A 111 -16.35 -36.70 19.44
C ILE A 111 -16.35 -36.99 20.96
N PRO A 112 -15.17 -37.00 21.61
CA PRO A 112 -15.14 -37.16 23.07
C PRO A 112 -15.85 -36.04 23.85
N MET A 113 -15.81 -34.81 23.34
CA MET A 113 -16.56 -33.69 23.99
C MET A 113 -18.06 -33.94 24.01
N VAL A 114 -18.60 -34.43 22.90
CA VAL A 114 -20.00 -34.82 22.82
C VAL A 114 -20.25 -36.10 23.63
N GLN A 115 -19.66 -37.20 23.20
CA GLN A 115 -19.83 -38.50 23.87
C GLN A 115 -19.21 -38.47 25.27
N GLN A 119 -26.00 -33.58 28.61
CA GLN A 119 -26.55 -32.55 27.71
C GLN A 119 -25.50 -32.04 26.68
N VAL A 120 -25.77 -32.26 25.40
CA VAL A 120 -24.88 -31.71 24.37
C VAL A 120 -25.63 -30.83 23.39
N ALA A 121 -25.10 -29.63 23.20
CA ALA A 121 -25.75 -28.62 22.37
C ALA A 121 -25.67 -28.96 20.86
N SER A 122 -26.71 -28.54 20.14
CA SER A 122 -26.82 -28.71 18.70
C SER A 122 -25.53 -28.33 17.94
N ASP A 123 -24.95 -27.16 18.21
CA ASP A 123 -23.70 -26.74 17.52
C ASP A 123 -22.57 -27.77 17.58
N MET A 124 -22.43 -28.45 18.71
CA MET A 124 -21.41 -29.47 18.86
C MET A 124 -21.73 -30.67 17.96
N TYR A 125 -22.99 -31.14 17.99
CA TYR A 125 -23.37 -32.25 17.13
C TYR A 125 -23.17 -31.83 15.68
N CYS A 126 -23.58 -30.61 15.34
CA CYS A 126 -23.53 -30.13 13.95
C CYS A 126 -22.11 -29.91 13.41
N LEU A 127 -21.16 -29.52 14.27
CA LEU A 127 -19.77 -29.43 13.82
C LEU A 127 -19.19 -30.81 13.42
N VAL A 128 -19.38 -31.82 14.26
CA VAL A 128 -18.98 -33.18 13.91
C VAL A 128 -19.63 -33.59 12.57
N GLY A 129 -20.92 -33.36 12.44
CA GLY A 129 -21.65 -33.63 11.19
C GLY A 129 -21.05 -32.88 10.00
N ARG A 130 -20.70 -31.62 10.21
CA ARG A 130 -20.00 -30.85 9.16
C ARG A 130 -18.61 -31.38 8.77
N ILE A 131 -17.86 -31.97 9.70
CA ILE A 131 -16.56 -32.52 9.37
C ILE A 131 -16.77 -33.71 8.38
N TYR A 132 -17.75 -34.55 8.68
CA TYR A 132 -18.08 -35.67 7.83
C TYR A 132 -18.63 -35.22 6.47
N LYS A 133 -19.61 -34.31 6.50
CA LYS A 133 -20.12 -33.63 5.31
C LYS A 133 -18.99 -33.12 4.43
N ASP A 134 -18.01 -32.43 5.03
CA ASP A 134 -16.89 -31.86 4.28
C ASP A 134 -15.96 -32.92 3.70
N MET A 135 -15.69 -33.98 4.48
CA MET A 135 -14.96 -35.13 3.97
C MET A 135 -15.66 -35.74 2.75
N PHE A 136 -16.98 -35.85 2.81
CA PHE A 136 -17.79 -36.35 1.70
C PHE A 136 -17.72 -35.46 0.48
N LEU A 137 -18.00 -34.17 0.65
CA LEU A 137 -17.90 -33.21 -0.45
C LEU A 137 -16.47 -33.16 -1.03
N ASP A 138 -15.46 -33.06 -0.16
CA ASP A 138 -14.07 -32.89 -0.59
C ASP A 138 -13.48 -34.14 -1.23
N SER A 139 -14.10 -35.30 -1.02
CA SER A 139 -13.75 -36.54 -1.73
C SER A 139 -14.39 -36.67 -3.12
N ASN A 140 -15.02 -35.60 -3.61
CA ASN A 140 -15.75 -35.64 -4.90
C ASN A 140 -16.93 -36.63 -4.82
N PHE A 141 -17.61 -36.61 -3.69
CA PHE A 141 -18.74 -37.51 -3.41
C PHE A 141 -18.47 -39.02 -3.45
N THR A 142 -17.22 -39.43 -3.28
CA THR A 142 -16.87 -40.85 -3.21
C THR A 142 -16.90 -41.42 -1.80
N ASP A 143 -16.64 -40.58 -0.78
CA ASP A 143 -16.61 -41.08 0.60
C ASP A 143 -18.05 -41.22 1.16
N THR A 144 -18.72 -42.29 0.72
CA THR A 144 -20.06 -42.62 1.19
C THR A 144 -20.13 -43.01 2.70
N GLU A 145 -19.04 -43.52 3.29
CA GLU A 145 -19.02 -43.76 4.77
C GLU A 145 -19.07 -42.45 5.53
N SER A 146 -18.32 -41.46 5.07
CA SER A 146 -18.35 -40.15 5.72
C SER A 146 -19.72 -39.52 5.56
N ARG A 147 -20.34 -39.71 4.40
CA ARG A 147 -21.72 -39.26 4.16
C ARG A 147 -22.67 -39.83 5.21
N ASP A 148 -22.59 -41.13 5.41
CA ASP A 148 -23.46 -41.82 6.36
C ASP A 148 -23.19 -41.44 7.81
N HIS A 149 -21.92 -41.29 8.17
CA HIS A 149 -21.56 -40.78 9.50
C HIS A 149 -22.07 -39.34 9.70
N GLY A 150 -21.97 -38.50 8.68
CA GLY A 150 -22.48 -37.15 8.76
C GLY A 150 -23.98 -37.13 8.97
N ALA A 151 -24.69 -37.93 8.18
CA ALA A 151 -26.14 -38.10 8.36
C ALA A 151 -26.48 -38.46 9.79
N SER A 152 -25.78 -39.44 10.37
CA SER A 152 -26.10 -39.91 11.73
C SER A 152 -25.92 -38.82 12.78
N TRP A 153 -24.83 -38.06 12.70
CA TRP A 153 -24.60 -36.95 13.64
C TRP A 153 -25.66 -35.84 13.54
N PHE A 154 -25.96 -35.39 12.31
CA PHE A 154 -27.06 -34.43 12.11
C PHE A 154 -28.44 -34.97 12.55
N LYS A 155 -28.70 -36.26 12.31
CA LYS A 155 -29.91 -36.91 12.81
C LYS A 155 -30.03 -36.80 14.33
N LYS A 156 -28.96 -37.16 15.05
CA LYS A 156 -28.94 -37.08 16.52
C LYS A 156 -29.24 -35.66 17.02
N ALA A 157 -28.57 -34.68 16.43
CA ALA A 157 -28.86 -33.27 16.67
C ALA A 157 -30.34 -32.96 16.46
N PHE A 158 -30.85 -33.37 15.30
CA PHE A 158 -32.23 -33.06 14.90
C PHE A 158 -33.27 -33.65 15.88
N GLU A 159 -33.02 -34.86 16.34
CA GLU A 159 -33.92 -35.54 17.27
C GLU A 159 -33.73 -35.04 18.71
N SER A 160 -32.50 -34.62 19.03
CA SER A 160 -32.17 -34.06 20.35
C SER A 160 -32.70 -32.64 20.51
N GLU A 161 -32.52 -31.81 19.49
CA GLU A 161 -33.01 -30.44 19.50
C GLU A 161 -33.24 -30.00 18.03
N PRO A 162 -34.48 -30.16 17.53
CA PRO A 162 -34.81 -29.87 16.13
C PRO A 162 -34.54 -28.41 15.75
N THR A 163 -33.68 -28.20 14.77
CA THR A 163 -33.41 -26.89 14.20
C THR A 163 -33.36 -27.03 12.67
N LEU A 164 -33.47 -25.92 11.97
CA LEU A 164 -33.36 -25.95 10.53
C LEU A 164 -31.99 -26.43 10.12
N GLN A 165 -30.98 -25.94 10.81
CA GLN A 165 -29.59 -26.28 10.45
C GLN A 165 -29.32 -27.79 10.38
N SER A 166 -29.63 -28.52 11.47
CA SER A 166 -29.42 -29.97 11.53
C SER A 166 -30.40 -30.70 10.59
N GLY A 167 -31.62 -30.17 10.49
CA GLY A 167 -32.65 -30.75 9.67
C GLY A 167 -32.32 -30.71 8.18
N ILE A 168 -31.90 -29.53 7.69
CA ILE A 168 -31.52 -29.41 6.26
C ILE A 168 -30.26 -30.25 5.93
N ASN A 169 -29.28 -30.24 6.83
CA ASN A 169 -28.09 -31.05 6.60
C ASN A 169 -28.36 -32.58 6.63
N TYR A 170 -29.26 -32.99 7.51
CA TYR A 170 -29.69 -34.39 7.59
C TYR A 170 -30.37 -34.81 6.29
N ALA A 171 -31.34 -34.01 5.87
CA ALA A 171 -32.09 -34.29 4.64
C ALA A 171 -31.17 -34.36 3.45
N VAL A 172 -30.27 -33.41 3.31
CA VAL A 172 -29.34 -33.36 2.18
C VAL A 172 -28.49 -34.64 2.08
N LEU A 173 -28.04 -35.15 3.22
CA LEU A 173 -27.23 -36.36 3.22
C LEU A 173 -28.05 -37.63 2.97
N LEU A 174 -29.29 -37.67 3.44
CA LEU A 174 -30.24 -38.69 2.96
C LEU A 174 -30.46 -38.59 1.46
N LEU A 175 -30.66 -37.39 0.94
CA LEU A 175 -30.78 -37.19 -0.52
C LEU A 175 -29.55 -37.76 -1.24
N ALA A 176 -28.35 -37.47 -0.74
CA ALA A 176 -27.12 -38.02 -1.33
C ALA A 176 -27.02 -39.57 -1.21
N ALA A 177 -27.63 -40.16 -0.18
CA ALA A 177 -27.66 -41.61 -0.01
C ALA A 177 -28.74 -42.33 -0.79
N GLY A 178 -29.52 -41.60 -1.59
CA GLY A 178 -30.51 -42.20 -2.45
C GLY A 178 -31.95 -42.18 -1.97
N HIS A 179 -32.26 -41.42 -0.91
CA HIS A 179 -33.67 -41.20 -0.51
C HIS A 179 -34.27 -40.16 -1.46
N SER A 183 -40.83 -40.25 -2.50
CA SER A 183 -40.92 -41.70 -2.36
C SER A 183 -40.30 -42.26 -1.07
N SER A 184 -40.08 -41.42 -0.07
CA SER A 184 -39.37 -41.85 1.14
C SER A 184 -39.73 -41.04 2.40
N PHE A 185 -39.55 -41.68 3.56
CA PHE A 185 -39.61 -41.05 4.89
C PHE A 185 -38.57 -41.88 5.67
N GLU A 186 -37.61 -41.34 6.43
CA GLU A 186 -37.49 -39.99 7.03
C GLU A 186 -37.62 -38.74 6.17
N LEU A 187 -37.31 -38.81 4.88
CA LEU A 187 -37.20 -37.59 4.06
C LEU A 187 -38.45 -36.70 4.04
N ARG A 188 -39.65 -37.26 3.84
CA ARG A 188 -40.89 -36.45 3.98
C ARG A 188 -41.23 -36.10 5.47
N LYS A 189 -40.82 -36.98 6.41
CA LYS A 189 -40.88 -36.76 7.88
C LYS A 189 -40.00 -35.58 8.34
N VAL A 190 -38.78 -35.51 7.83
CA VAL A 190 -37.88 -34.42 8.11
C VAL A 190 -38.52 -33.20 7.51
N GLY A 191 -39.10 -33.36 6.32
CA GLY A 191 -39.86 -32.32 5.63
C GLY A 191 -41.01 -31.73 6.43
N VAL A 192 -41.79 -32.56 7.11
CA VAL A 192 -42.87 -32.01 7.95
C VAL A 192 -42.32 -31.15 9.10
N LYS A 193 -41.29 -31.65 9.76
CA LYS A 193 -40.70 -30.96 10.89
C LYS A 193 -40.03 -29.63 10.48
N LEU A 194 -39.34 -29.66 9.34
CA LEU A 194 -38.82 -28.46 8.73
C LEU A 194 -39.88 -27.41 8.44
N SER A 195 -41.07 -27.84 8.00
CA SER A 195 -42.17 -26.92 7.73
C SER A 195 -42.75 -26.25 9.00
N SER A 196 -42.78 -26.96 10.13
CA SER A 196 -43.23 -26.36 11.39
C SER A 196 -42.16 -25.50 12.04
N LEU A 197 -40.88 -25.86 11.86
CA LEU A 197 -39.81 -24.97 12.29
C LEU A 197 -39.87 -23.67 11.50
N LEU A 198 -40.05 -23.75 10.17
CA LEU A 198 -40.25 -22.53 9.37
C LEU A 198 -41.43 -21.73 9.85
N GLY A 199 -42.52 -22.42 10.19
CA GLY A 199 -43.68 -21.75 10.79
C GLY A 199 -43.33 -21.02 12.09
N LYS A 200 -42.54 -21.65 12.95
CA LYS A 200 -42.08 -21.03 14.20
C LYS A 200 -41.32 -19.75 13.94
N LYS A 201 -40.42 -19.76 12.95
CA LYS A 201 -39.56 -18.61 12.66
C LYS A 201 -40.32 -17.43 12.09
N GLY A 202 -41.40 -17.70 11.36
CA GLY A 202 -42.25 -16.63 10.84
C GLY A 202 -41.72 -16.05 9.53
N ASN A 203 -42.28 -14.91 9.14
CA ASN A 203 -42.00 -14.26 7.85
C ASN A 203 -40.52 -13.81 7.72
N LEU A 204 -39.95 -13.97 6.51
CA LEU A 204 -38.58 -13.56 6.21
C LEU A 204 -38.30 -12.08 6.52
N GLU A 205 -39.28 -11.21 6.33
CA GLU A 205 -39.16 -9.78 6.65
C GLU A 205 -38.77 -9.47 8.10
N LYS A 206 -39.12 -10.35 9.02
CA LYS A 206 -38.79 -10.19 10.44
C LYS A 206 -37.53 -10.92 10.88
N LEU A 207 -36.94 -11.73 10.00
CA LEU A 207 -35.66 -12.39 10.30
C LEU A 207 -34.50 -11.48 9.86
N GLN A 208 -33.77 -10.95 10.83
CA GLN A 208 -32.73 -9.93 10.59
C GLN A 208 -31.29 -10.46 10.72
N SER A 209 -31.03 -11.39 11.64
CA SER A 209 -29.71 -11.98 11.79
C SER A 209 -29.39 -12.83 10.57
N TYR A 210 -28.18 -12.67 10.03
CA TYR A 210 -27.75 -13.48 8.87
C TYR A 210 -27.90 -14.99 9.08
N TRP A 211 -27.74 -15.46 10.31
CA TRP A 211 -27.77 -16.89 10.55
C TRP A 211 -29.19 -17.47 10.45
N GLU A 212 -30.20 -16.69 10.84
CA GLU A 212 -31.59 -17.04 10.64
C GLU A 212 -31.95 -17.05 9.16
N VAL A 213 -31.46 -16.05 8.43
CA VAL A 213 -31.76 -15.96 7.01
C VAL A 213 -31.09 -17.12 6.24
N GLY A 214 -29.84 -17.41 6.58
CA GLY A 214 -29.16 -18.51 5.93
C GLY A 214 -29.86 -19.85 6.08
N PHE A 215 -30.33 -20.17 7.29
CA PHE A 215 -31.03 -21.45 7.48
C PHE A 215 -32.43 -21.44 6.87
N PHE A 216 -33.11 -20.30 6.89
CA PHE A 216 -34.35 -20.12 6.15
C PHE A 216 -34.11 -20.41 4.64
N LEU A 217 -33.01 -19.93 4.11
CA LEU A 217 -32.67 -20.12 2.70
C LEU A 217 -32.57 -21.59 2.41
N GLY A 218 -31.82 -22.28 3.26
CA GLY A 218 -31.55 -23.69 3.06
C GLY A 218 -32.79 -24.53 3.07
N ALA A 219 -33.69 -24.26 3.99
CA ALA A 219 -34.93 -25.05 4.07
C ALA A 219 -35.81 -24.67 2.87
N SER A 220 -35.76 -23.41 2.45
CA SER A 220 -36.49 -22.98 1.23
C SER A 220 -35.98 -23.66 -0.04
N VAL A 221 -34.67 -23.78 -0.16
CA VAL A 221 -34.06 -24.61 -1.23
C VAL A 221 -34.60 -26.06 -1.18
N LEU A 222 -34.45 -26.73 -0.03
CA LEU A 222 -34.97 -28.09 0.14
C LEU A 222 -36.46 -28.22 -0.20
N ALA A 223 -37.24 -27.18 0.10
CA ALA A 223 -38.65 -27.20 -0.17
C ALA A 223 -38.96 -26.95 -1.64
N ASN A 224 -37.94 -26.61 -2.45
CA ASN A 224 -38.15 -26.11 -3.81
C ASN A 224 -39.02 -24.83 -3.88
N ASP A 225 -38.92 -23.95 -2.87
CA ASP A 225 -39.74 -22.71 -2.82
C ASP A 225 -39.08 -21.50 -3.49
N HIS A 226 -39.35 -21.30 -4.77
CA HIS A 226 -38.53 -20.41 -5.58
C HIS A 226 -38.47 -18.94 -5.12
N MET A 227 -39.64 -18.34 -4.87
CA MET A 227 -39.74 -16.95 -4.44
C MET A 227 -39.02 -16.71 -3.12
N ARG A 228 -39.17 -17.61 -2.16
CA ARG A 228 -38.43 -17.50 -0.88
C ARG A 228 -36.90 -17.64 -1.04
N VAL A 229 -36.45 -18.56 -1.91
CA VAL A 229 -35.03 -18.69 -2.21
C VAL A 229 -34.48 -17.40 -2.76
N ILE A 230 -35.15 -16.83 -3.77
CA ILE A 230 -34.73 -15.58 -4.38
C ILE A 230 -34.70 -14.46 -3.31
N GLN A 231 -35.80 -14.32 -2.56
CA GLN A 231 -35.88 -13.34 -1.46
C GLN A 231 -34.84 -13.53 -0.37
N ALA A 232 -34.63 -14.78 0.06
CA ALA A 232 -33.68 -15.00 1.14
C ALA A 232 -32.23 -14.85 0.64
N SER A 233 -31.96 -15.24 -0.60
CA SER A 233 -30.61 -15.05 -1.16
C SER A 233 -30.20 -13.55 -1.17
N GLU A 234 -31.12 -12.70 -1.64
CA GLU A 234 -30.95 -11.24 -1.68
C GLU A 234 -30.78 -10.67 -0.27
N LYS A 235 -31.58 -11.17 0.66
CA LYS A 235 -31.43 -10.73 2.03
C LYS A 235 -30.02 -11.09 2.57
N LEU A 236 -29.52 -12.27 2.23
CA LEU A 236 -28.18 -12.71 2.65
C LEU A 236 -27.06 -11.80 2.09
N PHE A 237 -27.27 -11.32 0.86
CA PHE A 237 -26.40 -10.32 0.23
C PHE A 237 -26.44 -8.99 0.98
N LYS A 238 -27.62 -8.41 1.16
CA LYS A 238 -27.77 -7.11 1.87
C LYS A 238 -27.19 -7.12 3.28
N LEU A 239 -27.35 -8.24 3.99
CA LEU A 239 -26.81 -8.38 5.36
C LEU A 239 -25.31 -8.51 5.52
N LYS A 240 -24.54 -8.59 4.44
CA LYS A 240 -23.05 -8.67 4.59
C LYS A 240 -22.65 -9.87 5.50
N THR A 241 -23.26 -11.00 5.16
CA THR A 241 -23.08 -12.26 5.78
C THR A 241 -21.59 -12.65 5.80
N PRO A 242 -21.07 -13.09 6.96
CA PRO A 242 -19.65 -13.50 7.00
C PRO A 242 -19.36 -14.72 6.12
N ALA A 243 -18.17 -14.68 5.51
CA ALA A 243 -17.72 -15.69 4.53
C ALA A 243 -17.69 -17.04 5.16
N TRP A 244 -17.17 -17.14 6.41
CA TRP A 244 -17.16 -18.44 7.12
C TRP A 244 -18.54 -19.05 7.11
N TYR A 245 -19.58 -18.22 7.31
CA TYR A 245 -20.92 -18.77 7.43
C TYR A 245 -21.53 -19.12 6.10
N LEU A 246 -21.41 -18.22 5.13
CA LEU A 246 -21.94 -18.45 3.81
C LEU A 246 -21.33 -19.73 3.21
N LYS A 247 -20.06 -19.99 3.50
CA LYS A 247 -19.38 -21.20 3.07
C LYS A 247 -20.21 -22.42 3.40
N SER A 248 -20.66 -22.54 4.65
CA SER A 248 -21.34 -23.79 5.09
C SER A 248 -22.71 -23.97 4.47
N ILE A 249 -23.46 -22.88 4.35
CA ILE A 249 -24.71 -22.87 3.57
C ILE A 249 -24.47 -23.30 2.13
N VAL A 250 -23.45 -22.75 1.50
CA VAL A 250 -23.16 -23.04 0.08
C VAL A 250 -22.86 -24.54 -0.10
N GLU A 251 -22.08 -25.10 0.81
CA GLU A 251 -21.74 -26.53 0.77
C GLU A 251 -22.98 -27.38 0.82
N THR A 252 -23.92 -27.00 1.66
CA THR A 252 -25.15 -27.73 1.76
C THR A 252 -25.92 -27.68 0.46
N ILE A 253 -25.96 -26.51 -0.18
CA ILE A 253 -26.65 -26.33 -1.45
C ILE A 253 -26.00 -27.07 -2.61
N LEU A 254 -24.67 -27.12 -2.64
CA LEU A 254 -23.98 -27.84 -3.70
C LEU A 254 -24.32 -29.32 -3.66
N ILE A 255 -24.44 -29.89 -2.48
CA ILE A 255 -24.73 -31.33 -2.34
C ILE A 255 -26.16 -31.61 -2.76
N TYR A 256 -27.08 -30.74 -2.32
CA TYR A 256 -28.48 -30.75 -2.74
C TYR A 256 -28.61 -30.73 -4.26
N LYS A 257 -27.96 -29.76 -4.88
CA LYS A 257 -28.05 -29.58 -6.33
C LYS A 257 -27.45 -30.78 -7.07
N HIS A 258 -26.39 -31.37 -6.53
CA HIS A 258 -25.77 -32.54 -7.18
C HIS A 258 -26.70 -33.75 -7.22
N PHE A 259 -27.51 -33.90 -6.17
CA PHE A 259 -28.30 -35.13 -5.97
C PHE A 259 -29.78 -35.02 -6.20
N VAL A 260 -30.38 -33.85 -6.05
CA VAL A 260 -31.82 -33.74 -6.25
C VAL A 260 -32.19 -34.17 -7.69
N LYS A 261 -33.29 -34.92 -7.84
CA LYS A 261 -33.73 -35.42 -9.14
C LYS A 261 -34.23 -34.30 -10.04
N PRO A 267 -39.13 -26.13 -16.89
CA PRO A 267 -38.74 -25.00 -16.03
C PRO A 267 -39.91 -24.38 -15.27
N VAL A 268 -39.57 -23.66 -14.20
CA VAL A 268 -40.48 -22.75 -13.52
C VAL A 268 -40.06 -21.35 -13.98
N ALA A 269 -41.02 -20.49 -14.33
CA ALA A 269 -40.75 -19.15 -14.93
C ALA A 269 -39.76 -18.25 -14.16
N LYS A 270 -39.50 -18.54 -12.88
CA LYS A 270 -38.48 -17.82 -12.12
C LYS A 270 -37.18 -18.59 -11.92
N GLN A 271 -37.00 -19.68 -12.67
CA GLN A 271 -35.80 -20.52 -12.59
C GLN A 271 -34.56 -19.69 -12.82
N GLU A 272 -34.63 -18.76 -13.76
CA GLU A 272 -33.52 -17.88 -14.11
C GLU A 272 -32.98 -17.09 -12.94
N LEU A 273 -33.89 -16.59 -12.09
CA LEU A 273 -33.47 -15.83 -10.91
C LEU A 273 -32.97 -16.76 -9.81
N VAL A 274 -33.53 -17.97 -9.71
CA VAL A 274 -32.94 -18.95 -8.78
C VAL A 274 -31.51 -19.33 -9.24
N ASP A 275 -31.30 -19.54 -10.54
CA ASP A 275 -29.99 -19.89 -11.05
C ASP A 275 -29.00 -18.74 -10.77
N PHE A 276 -29.43 -17.50 -11.02
CA PHE A 276 -28.59 -16.33 -10.72
C PHE A 276 -28.14 -16.33 -9.28
N TRP A 277 -29.08 -16.46 -8.36
CA TRP A 277 -28.77 -16.37 -6.91
C TRP A 277 -27.89 -17.51 -6.37
N MET A 278 -28.12 -18.71 -6.90
CA MET A 278 -27.22 -19.83 -6.61
C MET A 278 -25.81 -19.53 -7.16
N ASP A 279 -25.73 -18.97 -8.35
CA ASP A 279 -24.45 -18.61 -8.97
C ASP A 279 -23.77 -17.49 -8.17
N PHE A 280 -24.54 -16.48 -7.76
CA PHE A 280 -24.02 -15.36 -6.97
C PHE A 280 -23.45 -15.88 -5.64
N LEU A 281 -24.23 -16.66 -4.92
CA LEU A 281 -23.78 -17.07 -3.55
C LEU A 281 -22.60 -18.06 -3.60
N VAL A 282 -22.58 -18.96 -4.59
CA VAL A 282 -21.42 -19.88 -4.81
C VAL A 282 -20.17 -19.07 -5.23
N GLU A 283 -20.33 -18.11 -6.16
CA GLU A 283 -19.20 -17.27 -6.56
C GLU A 283 -18.63 -16.47 -5.38
N ALA A 284 -19.51 -16.12 -4.43
CA ALA A 284 -19.16 -15.36 -3.22
C ALA A 284 -18.22 -16.09 -2.26
N THR A 285 -18.16 -17.42 -2.37
CA THR A 285 -17.26 -18.22 -1.55
C THR A 285 -15.94 -18.45 -2.26
N LYS A 286 -15.79 -17.98 -3.50
CA LYS A 286 -14.49 -18.10 -4.20
C LYS A 286 -13.53 -17.00 -3.73
N THR A 287 -12.31 -17.42 -3.40
CA THR A 287 -11.21 -16.50 -3.03
C THR A 287 -10.23 -16.29 -4.18
N ASP A 288 -10.27 -17.19 -5.16
CA ASP A 288 -9.54 -17.03 -6.41
C ASP A 288 -10.61 -16.64 -7.45
N VAL A 289 -10.48 -15.47 -8.08
CA VAL A 289 -11.45 -15.01 -9.06
C VAL A 289 -10.96 -15.41 -10.44
N THR A 290 -11.69 -16.28 -11.12
CA THR A 290 -11.30 -16.84 -12.44
C THR A 290 -12.38 -16.67 -13.55
N VAL A 291 -13.45 -15.90 -13.29
CA VAL A 291 -14.68 -16.00 -14.11
C VAL A 291 -14.71 -15.17 -15.40
N VAL A 292 -15.26 -15.79 -16.45
CA VAL A 292 -15.51 -15.14 -17.75
C VAL A 292 -16.56 -14.02 -17.59
N ARG A 293 -17.46 -14.19 -16.62
CA ARG A 293 -18.52 -13.25 -16.36
C ARG A 293 -18.88 -13.23 -14.87
N PHE A 294 -19.48 -12.15 -14.45
CA PHE A 294 -19.73 -11.84 -13.05
C PHE A 294 -21.23 -11.76 -12.86
N PRO A 295 -21.75 -12.46 -11.86
CA PRO A 295 -23.12 -12.19 -11.40
C PRO A 295 -23.07 -10.98 -10.48
N VAL A 296 -23.90 -9.98 -10.78
CA VAL A 296 -23.82 -8.70 -10.14
C VAL A 296 -25.25 -8.22 -9.88
N LEU A 297 -25.34 -7.24 -8.99
CA LEU A 297 -26.59 -6.52 -8.73
C LEU A 297 -26.39 -5.07 -9.06
N ILE A 298 -27.12 -4.56 -10.05
CA ILE A 298 -27.08 -3.14 -10.39
C ILE A 298 -28.07 -2.47 -9.45
N LEU A 299 -27.61 -1.55 -8.61
CA LEU A 299 -28.51 -0.75 -7.79
C LEU A 299 -29.19 0.32 -8.66
N GLU A 300 -30.50 0.14 -8.92
CA GLU A 300 -31.33 1.11 -9.67
C GLU A 300 -31.70 2.31 -8.80
N PRO A 301 -32.05 3.46 -9.44
CA PRO A 301 -32.48 4.63 -8.69
C PRO A 301 -33.77 4.42 -7.91
N THR A 302 -34.61 3.46 -8.34
CA THR A 302 -35.71 2.94 -7.52
C THR A 302 -35.27 2.29 -6.18
N LYS A 303 -33.96 2.05 -5.99
CA LYS A 303 -33.37 1.44 -4.77
C LYS A 303 -33.57 -0.07 -4.72
N ILE A 304 -33.87 -0.63 -5.87
CA ILE A 304 -34.04 -2.06 -6.04
C ILE A 304 -32.73 -2.57 -6.63
N TYR A 305 -32.20 -3.67 -6.08
CA TYR A 305 -31.07 -4.39 -6.72
C TYR A 305 -31.61 -5.27 -7.86
N GLN A 306 -31.04 -5.09 -9.05
CA GLN A 306 -31.48 -5.78 -10.24
C GLN A 306 -30.46 -6.85 -10.58
N PRO A 307 -30.83 -8.13 -10.47
CA PRO A 307 -29.87 -9.16 -10.91
C PRO A 307 -29.42 -9.01 -12.37
N SER A 308 -28.12 -9.15 -12.59
CA SER A 308 -27.50 -8.90 -13.90
C SER A 308 -26.22 -9.69 -14.07
N TYR A 309 -25.79 -9.83 -15.32
CA TYR A 309 -24.50 -10.39 -15.62
C TYR A 309 -23.67 -9.35 -16.32
N LEU A 310 -22.37 -9.43 -16.08
CA LEU A 310 -21.43 -8.54 -16.71
C LEU A 310 -20.20 -9.32 -17.19
N SER A 311 -19.70 -8.92 -18.36
CA SER A 311 -18.43 -9.44 -18.85
C SER A 311 -17.57 -8.41 -19.57
N ILE A 312 -16.27 -8.67 -19.49
CA ILE A 312 -15.22 -7.92 -20.16
C ILE A 312 -14.83 -8.83 -21.33
N ASN A 313 -15.06 -8.39 -22.57
CA ASN A 313 -14.92 -9.24 -23.76
C ASN A 313 -13.69 -8.91 -24.58
N ASN A 314 -13.00 -9.96 -25.00
CA ASN A 314 -11.86 -9.86 -25.91
C ASN A 314 -12.34 -9.70 -27.35
N GLU A 315 -13.00 -8.59 -27.66
CA GLU A 315 -13.57 -8.38 -28.99
C GLU A 315 -12.51 -7.81 -29.94
N VAL A 316 -12.56 -8.22 -31.22
CA VAL A 316 -11.61 -7.72 -32.25
C VAL A 316 -11.73 -6.21 -32.40
N GLU A 317 -10.60 -5.58 -32.67
CA GLU A 317 -10.50 -4.13 -32.87
C GLU A 317 -10.55 -3.32 -31.58
N GLU A 318 -11.64 -3.45 -30.81
CA GLU A 318 -11.85 -2.76 -29.51
C GLU A 318 -12.47 -3.68 -28.45
N LYS A 319 -11.97 -3.65 -27.21
CA LYS A 319 -12.51 -4.50 -26.17
C LYS A 319 -13.84 -3.87 -25.74
N THR A 320 -14.71 -4.68 -25.15
CA THR A 320 -16.03 -4.21 -24.75
C THR A 320 -16.46 -4.72 -23.40
N ILE A 321 -17.41 -4.01 -22.82
CA ILE A 321 -18.09 -4.38 -21.58
C ILE A 321 -19.53 -4.67 -21.95
N SER A 322 -19.99 -5.88 -21.58
CA SER A 322 -21.37 -6.31 -21.75
CA SER A 322 -21.38 -6.33 -21.77
C SER A 322 -22.05 -6.41 -20.40
N ILE A 323 -23.28 -5.92 -20.31
CA ILE A 323 -24.07 -5.86 -19.12
C ILE A 323 -25.47 -6.23 -19.52
N TRP A 324 -26.08 -7.20 -18.83
CA TRP A 324 -27.48 -7.50 -19.08
C TRP A 324 -28.28 -7.96 -17.86
N HIS A 325 -29.54 -7.52 -17.79
CA HIS A 325 -30.47 -7.89 -16.71
C HIS A 325 -30.92 -9.34 -16.84
N VAL A 326 -30.92 -10.07 -15.72
CA VAL A 326 -31.60 -11.38 -15.65
C VAL A 326 -33.08 -11.14 -15.31
N LEU A 327 -33.96 -11.69 -16.12
CA LEU A 327 -35.41 -11.68 -15.88
C LEU A 327 -35.95 -10.41 -15.15
N PRO A 328 -35.89 -9.23 -15.82
CA PRO A 328 -36.46 -8.00 -15.21
C PRO A 328 -37.98 -8.12 -15.07
N ASP A 329 -38.51 -7.66 -13.93
CA ASP A 329 -39.95 -7.68 -13.70
C ASP A 329 -40.67 -6.93 -14.80
N ASP A 330 -40.20 -5.71 -15.04
CA ASP A 330 -40.71 -4.89 -16.12
C ASP A 330 -39.88 -5.23 -17.37
N LYS A 331 -40.49 -5.98 -18.27
CA LYS A 331 -39.80 -6.52 -19.43
C LYS A 331 -39.61 -5.45 -20.52
N LYS A 332 -40.26 -4.30 -20.34
CA LYS A 332 -40.15 -3.22 -21.27
C LYS A 332 -38.97 -2.32 -20.93
N GLY A 333 -38.37 -1.76 -21.97
CA GLY A 333 -37.29 -0.81 -21.84
C GLY A 333 -36.01 -1.53 -22.15
N ILE A 334 -34.90 -0.84 -21.80
CA ILE A 334 -33.56 -1.29 -22.14
C ILE A 334 -33.00 -2.08 -20.96
N HIS A 335 -32.59 -3.30 -21.26
CA HIS A 335 -32.04 -4.23 -20.27
C HIS A 335 -30.73 -4.88 -20.70
N GLU A 336 -30.13 -4.35 -21.76
CA GLU A 336 -28.87 -4.83 -22.28
C GLU A 336 -28.05 -3.66 -22.81
N TRP A 337 -26.76 -3.67 -22.49
CA TRP A 337 -25.78 -2.68 -22.94
C TRP A 337 -24.51 -3.39 -23.42
N ASN A 338 -23.85 -2.78 -24.38
CA ASN A 338 -22.54 -3.20 -24.84
C ASN A 338 -21.72 -1.93 -25.06
N PHE A 339 -20.67 -1.72 -24.27
CA PHE A 339 -19.91 -0.47 -24.35
C PHE A 339 -18.52 -0.78 -24.93
N SER A 340 -18.12 -0.07 -25.98
CA SER A 340 -16.74 -0.15 -26.46
C SER A 340 -15.81 0.56 -25.49
N ALA A 341 -14.53 0.20 -25.52
CA ALA A 341 -13.54 0.79 -24.62
C ALA A 341 -13.53 2.32 -24.68
N SER A 342 -13.58 2.89 -25.89
CA SER A 342 -13.65 4.36 -26.04
C SER A 342 -14.95 4.99 -25.48
N SER A 343 -16.03 4.22 -25.38
CA SER A 343 -17.26 4.63 -24.67
C SER A 343 -17.20 4.75 -23.13
N VAL A 344 -16.18 4.20 -22.53
CA VAL A 344 -16.07 4.19 -21.07
C VAL A 344 -15.26 5.41 -20.61
N ARG A 345 -15.85 6.25 -19.77
CA ARG A 345 -15.11 7.31 -19.07
C ARG A 345 -14.18 6.72 -18.00
N GLY A 346 -14.73 5.92 -17.10
CA GLY A 346 -13.92 5.22 -16.10
C GLY A 346 -14.72 4.44 -15.08
N VAL A 347 -14.03 4.10 -14.00
CA VAL A 347 -14.58 3.32 -12.89
C VAL A 347 -14.06 3.91 -11.60
N SER A 348 -14.87 3.80 -10.54
CA SER A 348 -14.48 4.19 -9.19
C SER A 348 -15.14 3.24 -8.19
N ILE A 349 -14.37 2.67 -7.28
CA ILE A 349 -14.93 1.84 -6.19
C ILE A 349 -15.63 2.77 -5.20
N SER A 350 -16.83 2.37 -4.79
CA SER A 350 -17.64 3.15 -3.87
C SER A 350 -16.84 3.49 -2.62
N LYS A 351 -16.89 4.75 -2.23
CA LYS A 351 -16.28 5.17 -0.98
C LYS A 351 -16.95 4.55 0.25
N PHE A 352 -18.19 4.05 0.12
CA PHE A 352 -18.94 3.54 1.25
C PHE A 352 -19.23 2.05 1.25
N GLU A 353 -19.20 1.42 0.08
CA GLU A 353 -19.57 0.01 -0.08
C GLU A 353 -18.50 -0.67 -0.95
N GLU A 354 -17.54 -1.33 -0.34
CA GLU A 354 -16.40 -1.96 -1.05
C GLU A 354 -16.78 -3.08 -2.02
N ARG A 355 -18.03 -3.52 -1.99
CA ARG A 355 -18.51 -4.45 -3.02
C ARG A 355 -18.98 -3.73 -4.28
N CYS A 356 -19.02 -2.40 -4.27
CA CYS A 356 -19.71 -1.65 -5.31
C CYS A 356 -18.66 -1.00 -6.19
N CYS A 357 -18.83 -1.11 -7.50
CA CYS A 357 -18.06 -0.27 -8.42
C CYS A 357 -19.00 0.57 -9.27
N PHE A 358 -18.71 1.88 -9.35
CA PHE A 358 -19.34 2.81 -10.26
C PHE A 358 -18.70 2.67 -11.63
N LEU A 359 -19.51 2.65 -12.68
CA LEU A 359 -19.03 2.62 -14.06
C LEU A 359 -19.59 3.86 -14.74
N TYR A 360 -18.73 4.68 -15.32
CA TYR A 360 -19.16 5.88 -16.01
C TYR A 360 -18.98 5.72 -17.52
N VAL A 361 -20.07 5.97 -18.27
CA VAL A 361 -20.06 5.85 -19.73
C VAL A 361 -20.58 7.09 -20.41
N LEU A 362 -20.11 7.29 -21.64
CA LEU A 362 -20.43 8.51 -22.38
C LEU A 362 -21.87 8.54 -22.90
N HIS A 363 -22.46 9.73 -22.97
CA HIS A 363 -23.88 9.93 -23.34
C HIS A 363 -24.88 9.14 -22.45
N ASN A 364 -24.53 9.04 -21.16
CA ASN A 364 -25.38 8.42 -20.15
C ASN A 364 -25.22 9.29 -18.89
N SER A 365 -26.18 10.21 -18.71
CA SER A 365 -26.17 11.18 -17.60
C SER A 365 -26.17 10.52 -16.20
N ASP A 366 -26.73 9.31 -16.10
CA ASP A 366 -26.65 8.47 -14.90
C ASP A 366 -25.35 7.64 -14.99
N ASP A 367 -25.19 6.68 -14.08
CA ASP A 367 -24.01 5.83 -14.01
C ASP A 367 -24.54 4.41 -13.89
N PHE A 368 -23.66 3.44 -13.75
CA PHE A 368 -24.06 2.10 -13.30
C PHE A 368 -23.39 1.92 -11.94
N GLN A 369 -24.20 1.66 -10.90
CA GLN A 369 -23.69 1.32 -9.57
C GLN A 369 -23.74 -0.17 -9.41
N ILE A 370 -22.59 -0.82 -9.58
CA ILE A 370 -22.55 -2.28 -9.79
C ILE A 370 -22.01 -2.94 -8.53
N TYR A 371 -22.79 -3.86 -7.98
CA TYR A 371 -22.49 -4.53 -6.73
C TYR A 371 -22.10 -5.97 -7.05
N PHE A 372 -20.93 -6.37 -6.55
CA PHE A 372 -20.34 -7.71 -6.77
C PHE A 372 -20.50 -8.63 -5.52
N CYS A 373 -20.21 -9.91 -5.68
CA CYS A 373 -20.46 -10.87 -4.62
C CYS A 373 -19.43 -10.83 -3.51
N THR A 374 -18.22 -10.35 -3.81
CA THR A 374 -17.22 -10.04 -2.78
C THR A 374 -16.46 -8.79 -3.16
N GLU A 375 -15.73 -8.27 -2.18
CA GLU A 375 -14.81 -7.14 -2.37
C GLU A 375 -13.79 -7.41 -3.45
N LEU A 376 -13.19 -8.60 -3.42
CA LEU A 376 -12.16 -8.94 -4.41
C LEU A 376 -12.73 -8.93 -5.84
N HIS A 377 -13.96 -9.41 -6.03
CA HIS A 377 -14.57 -9.46 -7.37
C HIS A 377 -14.74 -8.04 -7.97
N CYS A 378 -15.21 -7.13 -7.12
CA CYS A 378 -15.30 -5.74 -7.45
C CYS A 378 -13.93 -5.15 -7.81
N LYS A 379 -12.92 -5.47 -7.04
CA LYS A 379 -11.56 -4.96 -7.28
C LYS A 379 -10.98 -5.49 -8.60
N LYS A 380 -11.26 -6.77 -8.91
CA LYS A 380 -10.81 -7.34 -10.20
C LYS A 380 -11.44 -6.56 -11.36
N PHE A 381 -12.71 -6.20 -11.24
CA PHE A 381 -13.48 -5.50 -12.31
C PHE A 381 -12.91 -4.13 -12.56
N PHE A 382 -12.67 -3.43 -11.46
CA PHE A 382 -12.07 -2.12 -11.43
C PHE A 382 -10.75 -2.07 -12.17
N GLU A 383 -9.86 -3.01 -11.79
CA GLU A 383 -8.53 -3.17 -12.41
C GLU A 383 -8.61 -3.46 -13.90
N MET A 384 -9.50 -4.39 -14.28
CA MET A 384 -9.66 -4.76 -15.71
C MET A 384 -10.19 -3.58 -16.56
N VAL A 385 -11.11 -2.77 -16.00
CA VAL A 385 -11.62 -1.61 -16.76
C VAL A 385 -10.55 -0.51 -16.88
N ASN A 386 -9.79 -0.24 -15.81
CA ASN A 386 -8.64 0.66 -15.89
C ASN A 386 -7.66 0.17 -16.96
N THR A 387 -7.44 -1.13 -17.07
CA THR A 387 -6.55 -1.66 -18.11
C THR A 387 -7.09 -1.39 -19.51
N ILE A 388 -8.39 -1.61 -19.76
CA ILE A 388 -8.92 -1.36 -21.11
C ILE A 388 -9.01 0.13 -21.47
N THR A 389 -9.16 1.02 -20.48
CA THR A 389 -9.24 2.47 -20.74
C THR A 389 -7.88 3.18 -20.77
N GLU A 390 -6.80 2.49 -20.41
CA GLU A 390 -5.46 3.10 -20.41
C GLU A 390 -4.72 2.82 -21.71
N PHE B 7 47.01 30.70 -21.29
CA PHE B 7 46.04 30.37 -22.36
C PHE B 7 44.61 30.08 -21.86
N ARG B 8 43.72 30.07 -22.82
CA ARG B 8 42.38 29.54 -22.66
C ARG B 8 42.42 28.10 -22.15
N GLU B 9 43.21 27.26 -22.82
CA GLU B 9 43.30 25.83 -22.52
C GLU B 9 43.80 25.60 -21.08
N SER B 10 44.78 26.40 -20.66
CA SER B 10 45.31 26.40 -19.29
C SER B 10 44.25 26.68 -18.24
N ILE B 11 43.41 27.69 -18.50
CA ILE B 11 42.33 28.04 -17.58
C ILE B 11 41.35 26.88 -17.50
N LEU B 12 40.96 26.34 -18.66
CA LEU B 12 40.01 25.24 -18.70
C LEU B 12 40.55 24.01 -17.95
N ASN B 13 41.82 23.68 -18.18
CA ASN B 13 42.41 22.48 -17.56
CA ASN B 13 42.42 22.48 -17.56
C ASN B 13 42.48 22.62 -16.04
N ASP B 14 42.78 23.83 -15.57
CA ASP B 14 42.86 24.11 -14.12
C ASP B 14 41.49 24.17 -13.42
N ILE B 15 40.46 24.62 -14.11
CA ILE B 15 39.11 24.55 -13.57
C ILE B 15 38.71 23.09 -13.37
N ARG B 16 38.98 22.25 -14.38
CA ARG B 16 38.60 20.83 -14.33
C ARG B 16 39.34 20.12 -13.21
N LYS B 17 40.64 20.39 -13.13
CA LYS B 17 41.49 19.86 -12.06
C LYS B 17 41.01 20.33 -10.67
N ALA B 18 40.68 21.62 -10.57
CA ALA B 18 40.06 22.19 -9.36
C ALA B 18 38.78 21.46 -8.91
N ARG B 19 37.85 21.25 -9.85
CA ARG B 19 36.58 20.54 -9.55
C ARG B 19 36.80 19.12 -9.10
N ASN B 20 37.88 18.49 -9.58
CA ASN B 20 38.25 17.15 -9.15
C ASN B 20 38.94 17.09 -7.78
N LEU B 21 39.90 17.99 -7.54
CA LEU B 21 40.70 17.94 -6.31
C LEU B 21 39.91 18.46 -5.10
N TYR B 22 39.19 19.56 -5.28
CA TYR B 22 38.64 20.31 -4.16
C TYR B 22 37.12 20.33 -4.10
N THR B 23 36.63 20.47 -2.87
CA THR B 23 35.22 20.79 -2.60
C THR B 23 35.19 21.91 -1.55
N GLY B 24 34.00 22.39 -1.19
CA GLY B 24 33.83 23.31 -0.05
C GLY B 24 34.64 24.59 -0.15
N LYS B 25 35.14 25.06 0.99
CA LYS B 25 35.98 26.28 1.05
C LYS B 25 37.22 26.18 0.19
N GLU B 26 37.80 24.98 0.19
CA GLU B 26 39.06 24.69 -0.50
C GLU B 26 38.90 24.92 -2.00
N LEU B 27 37.76 24.49 -2.57
CA LEU B 27 37.41 24.78 -3.98
C LEU B 27 37.19 26.28 -4.26
N ALA B 28 36.52 26.98 -3.35
CA ALA B 28 36.30 28.41 -3.52
C ALA B 28 37.61 29.21 -3.59
N ALA B 29 38.58 28.86 -2.74
CA ALA B 29 39.93 29.44 -2.79
C ALA B 29 40.56 29.25 -4.15
N GLU B 30 40.55 28.01 -4.65
CA GLU B 30 41.12 27.69 -5.97
C GLU B 30 40.47 28.45 -7.14
N LEU B 31 39.14 28.56 -7.12
CA LEU B 31 38.41 29.33 -8.13
C LEU B 31 38.71 30.83 -8.12
N ALA B 32 38.88 31.40 -6.93
CA ALA B 32 39.27 32.81 -6.79
C ALA B 32 40.71 33.05 -7.32
N ARG B 33 41.57 32.06 -7.19
CA ARG B 33 42.92 32.11 -7.78
C ARG B 33 42.84 32.06 -9.30
N ILE B 34 42.01 31.17 -9.81
CA ILE B 34 41.76 31.06 -11.25
C ILE B 34 41.07 32.31 -11.81
N ARG B 35 40.21 32.95 -11.00
CA ARG B 35 39.49 34.18 -11.42
C ARG B 35 40.38 35.37 -11.74
N GLN B 36 41.43 35.57 -10.94
CA GLN B 36 42.46 36.58 -11.26
C GLN B 36 42.90 36.52 -12.72
N ARG B 37 43.24 35.31 -13.15
CA ARG B 37 43.56 35.08 -14.55
C ARG B 37 42.35 35.35 -15.46
N VAL B 38 41.22 34.71 -15.17
CA VAL B 38 39.99 34.88 -15.96
C VAL B 38 39.59 36.37 -16.18
N ASP B 39 39.75 37.18 -15.13
CA ASP B 39 39.39 38.58 -15.17
C ASP B 39 40.43 39.45 -15.82
N ASN B 40 41.50 38.85 -16.36
CA ASN B 40 42.48 39.59 -17.16
C ASN B 40 42.67 39.02 -18.57
N ILE B 41 41.81 38.08 -18.99
CA ILE B 41 41.99 37.36 -20.26
C ILE B 41 41.68 38.26 -21.44
N GLU B 42 42.48 38.11 -22.51
CA GLU B 42 42.37 38.94 -23.72
C GLU B 42 40.97 38.94 -24.31
N VAL B 43 40.38 37.76 -24.49
CA VAL B 43 38.93 37.60 -24.82
C VAL B 43 38.39 36.47 -23.93
N LEU B 44 37.24 36.72 -23.31
CA LEU B 44 36.63 35.75 -22.40
C LEU B 44 35.56 34.96 -23.15
N THR B 45 35.88 33.70 -23.45
CA THR B 45 34.98 32.84 -24.22
C THR B 45 33.93 32.13 -23.35
N ALA B 46 32.95 31.55 -24.02
CA ALA B 46 31.83 30.89 -23.38
C ALA B 46 32.20 29.58 -22.70
N ASP B 47 33.17 28.84 -23.26
CA ASP B 47 33.67 27.60 -22.63
C ASP B 47 34.22 27.84 -21.22
N ILE B 48 34.97 28.93 -21.05
CA ILE B 48 35.49 29.33 -19.76
C ILE B 48 34.36 29.72 -18.82
N VAL B 49 33.46 30.57 -19.31
CA VAL B 49 32.32 31.02 -18.53
C VAL B 49 31.52 29.82 -18.01
N ILE B 50 31.08 28.94 -18.92
CA ILE B 50 30.29 27.74 -18.56
C ILE B 50 30.96 26.90 -17.46
N ASN B 51 32.24 26.61 -17.61
CA ASN B 51 32.93 25.74 -16.65
C ASN B 51 33.19 26.44 -15.33
N LEU B 52 33.32 27.77 -15.36
CA LEU B 52 33.28 28.55 -14.13
C LEU B 52 31.91 28.42 -13.41
N LEU B 53 30.83 28.57 -14.16
CA LEU B 53 29.48 28.51 -13.57
C LEU B 53 29.21 27.13 -12.99
N LEU B 54 29.65 26.07 -13.68
CA LEU B 54 29.50 24.71 -13.12
C LEU B 54 30.31 24.52 -11.81
N SER B 55 31.53 25.06 -11.78
CA SER B 55 32.38 24.98 -10.60
C SER B 55 31.77 25.76 -9.41
N TYR B 56 31.26 26.96 -9.63
CA TYR B 56 30.53 27.67 -8.58
C TYR B 56 29.26 26.95 -8.13
N ARG B 57 28.59 26.26 -9.05
CA ARG B 57 27.40 25.55 -8.68
C ARG B 57 27.76 24.39 -7.76
N ASP B 58 28.92 23.76 -7.95
CA ASP B 58 29.38 22.65 -7.05
C ASP B 58 29.43 22.96 -5.57
N ILE B 59 29.62 24.23 -5.24
CA ILE B 59 29.60 24.77 -3.89
C ILE B 59 28.42 25.76 -3.68
N GLN B 60 27.41 25.67 -4.52
CA GLN B 60 26.19 26.51 -4.37
C GLN B 60 26.53 27.99 -4.16
N ASP B 61 27.49 28.50 -4.95
CA ASP B 61 27.85 29.92 -4.90
C ASP B 61 27.10 30.68 -5.99
N TYR B 62 25.81 30.88 -5.73
CA TYR B 62 24.93 31.46 -6.74
C TYR B 62 25.19 32.95 -6.95
N ASP B 63 25.59 33.63 -5.87
CA ASP B 63 25.99 35.04 -5.93
C ASP B 63 27.17 35.29 -6.92
N SER B 64 28.19 34.43 -6.87
CA SER B 64 29.27 34.55 -7.84
C SER B 64 28.82 34.32 -9.26
N ILE B 65 27.92 33.37 -9.45
CA ILE B 65 27.41 33.08 -10.79
C ILE B 65 26.67 34.29 -11.33
N VAL B 66 25.82 34.89 -10.50
CA VAL B 66 25.00 36.05 -10.92
C VAL B 66 25.89 37.24 -11.25
N LYS B 67 26.82 37.55 -10.36
CA LYS B 67 27.73 38.67 -10.57
C LYS B 67 28.64 38.52 -11.79
N LEU B 68 29.13 37.32 -12.07
CA LEU B 68 29.90 37.07 -13.30
C LEU B 68 29.05 37.27 -14.55
N VAL B 69 27.85 36.68 -14.58
CA VAL B 69 26.99 36.78 -15.76
C VAL B 69 26.50 38.23 -15.99
N GLU B 70 26.24 38.98 -14.92
CA GLU B 70 25.90 40.41 -15.05
C GLU B 70 27.03 41.24 -15.66
N THR B 71 28.28 40.95 -15.28
CA THR B 71 29.43 41.66 -15.86
C THR B 71 29.62 41.33 -17.36
N LEU B 72 29.24 40.12 -17.78
CA LEU B 72 29.25 39.76 -19.23
C LEU B 72 28.17 40.50 -20.02
N GLU B 73 27.03 40.74 -19.39
CA GLU B 73 25.96 41.54 -20.02
C GLU B 73 26.41 42.98 -20.33
N LYS B 74 27.28 43.56 -19.50
CA LYS B 74 27.81 44.92 -19.74
C LYS B 74 29.01 44.91 -20.71
N LEU B 75 29.81 43.85 -20.68
CA LEU B 75 30.96 43.69 -21.58
C LEU B 75 30.50 43.55 -23.03
N THR B 77 32.30 42.63 -27.84
CA THR B 77 31.59 42.29 -26.62
C THR B 77 31.17 40.83 -26.60
N PHE B 78 30.66 40.47 -25.44
CA PHE B 78 30.05 39.20 -25.21
C PHE B 78 28.56 39.40 -25.51
N ASP B 79 28.05 38.58 -26.45
CA ASP B 79 26.63 38.56 -26.79
C ASP B 79 25.90 37.49 -25.95
N LEU B 80 25.45 37.88 -24.76
CA LEU B 80 24.79 36.95 -23.84
C LEU B 80 23.52 36.33 -24.44
N ALA B 81 22.76 37.13 -25.19
CA ALA B 81 21.52 36.68 -25.82
C ALA B 81 21.69 35.39 -26.65
N SER B 82 22.84 35.29 -27.32
CA SER B 82 23.17 34.12 -28.14
C SER B 82 23.64 32.87 -27.37
N HIS B 83 23.93 33.01 -26.07
CA HIS B 83 24.47 31.90 -25.28
C HIS B 83 23.42 31.36 -24.34
N HIS B 84 22.55 30.51 -24.87
CA HIS B 84 21.34 30.05 -24.17
C HIS B 84 21.67 29.25 -22.90
N HIS B 85 22.73 28.45 -22.94
CA HIS B 85 23.15 27.66 -21.77
C HIS B 85 23.71 28.50 -20.63
N VAL B 86 24.43 29.57 -20.97
CA VAL B 86 24.86 30.55 -19.99
C VAL B 86 23.63 31.24 -19.37
N LYS B 87 22.65 31.61 -20.19
CA LYS B 87 21.42 32.22 -19.67
C LYS B 87 20.64 31.26 -18.79
N PHE B 88 20.63 29.97 -19.15
CA PHE B 88 20.00 28.94 -18.32
C PHE B 88 20.63 28.94 -16.93
N HIS B 89 21.96 28.85 -16.86
CA HIS B 89 22.66 28.80 -15.54
C HIS B 89 22.48 30.09 -14.74
N TYR B 90 22.37 31.21 -15.44
CA TYR B 90 22.16 32.53 -14.85
C TYR B 90 20.81 32.56 -14.13
N ALA B 91 19.76 32.14 -14.86
CA ALA B 91 18.40 32.09 -14.31
C ALA B 91 18.33 31.10 -13.14
N PHE B 92 18.97 29.96 -13.29
CA PHE B 92 19.06 28.96 -12.24
C PHE B 92 19.63 29.57 -10.97
N ALA B 93 20.75 30.29 -11.12
CA ALA B 93 21.39 30.95 -10.01
C ALA B 93 20.56 32.08 -9.41
N LEU B 94 19.91 32.88 -10.27
CA LEU B 94 19.01 33.91 -9.78
C LEU B 94 17.91 33.27 -8.92
N ASN B 95 17.31 32.18 -9.41
CA ASN B 95 16.25 31.51 -8.68
C ASN B 95 16.70 30.96 -7.30
N ARG B 96 17.91 30.40 -7.23
CA ARG B 96 18.42 29.92 -5.95
C ARG B 96 18.85 31.08 -5.04
N ARG B 97 19.38 32.18 -5.61
CA ARG B 97 19.84 33.32 -4.79
C ARG B 97 18.63 34.05 -4.19
N ASN B 98 17.64 34.34 -5.02
CA ASN B 98 16.34 34.80 -4.56
C ASN B 98 16.38 36.11 -3.72
N LEU B 99 17.26 37.04 -4.07
CA LEU B 99 17.19 38.38 -3.53
C LEU B 99 15.95 39.08 -4.15
N PRO B 100 15.48 40.17 -3.55
CA PRO B 100 14.33 40.89 -4.17
C PRO B 100 14.51 41.11 -5.69
N GLY B 101 13.63 40.53 -6.49
CA GLY B 101 13.65 40.70 -7.96
C GLY B 101 14.41 39.64 -8.72
N ASP B 102 15.14 38.77 -8.03
CA ASP B 102 15.91 37.70 -8.68
C ASP B 102 15.00 36.75 -9.47
N ARG B 103 13.99 36.19 -8.81
CA ARG B 103 13.06 35.27 -9.50
C ARG B 103 12.27 35.93 -10.63
N ALA B 104 11.91 37.19 -10.46
CA ALA B 104 11.25 37.93 -11.56
C ALA B 104 12.17 38.01 -12.78
N LYS B 105 13.45 38.31 -12.55
CA LYS B 105 14.42 38.42 -13.63
C LYS B 105 14.67 37.06 -14.29
N ALA B 106 14.71 36.00 -13.49
CA ALA B 106 14.90 34.64 -14.01
C ALA B 106 13.79 34.24 -14.95
N LEU B 107 12.54 34.55 -14.58
CA LEU B 107 11.40 34.27 -15.44
C LEU B 107 11.45 35.12 -16.71
N ASP B 108 11.87 36.37 -16.57
CA ASP B 108 12.06 37.28 -17.70
C ASP B 108 13.14 36.82 -18.69
N ILE B 109 14.13 36.10 -18.19
CA ILE B 109 15.15 35.49 -19.04
C ILE B 109 14.57 34.23 -19.70
N MET B 110 14.05 33.33 -18.87
CA MET B 110 13.63 32.01 -19.34
C MET B 110 12.37 31.97 -20.24
N ILE B 111 11.34 32.74 -19.90
CA ILE B 111 10.05 32.61 -20.61
C ILE B 111 10.20 32.99 -22.09
N PRO B 112 10.85 34.13 -22.40
CA PRO B 112 11.12 34.46 -23.81
C PRO B 112 12.03 33.48 -24.55
N MET B 113 12.99 32.84 -23.85
CA MET B 113 13.82 31.78 -24.48
C MET B 113 12.98 30.58 -24.95
N VAL B 114 12.03 30.16 -24.12
CA VAL B 114 11.11 29.08 -24.46
C VAL B 114 10.10 29.58 -25.51
N GLN B 115 9.27 30.55 -25.14
CA GLN B 115 8.24 31.07 -26.04
C GLN B 115 8.85 31.76 -27.25
N SER B 116 9.50 32.90 -27.02
CA SER B 116 9.91 33.83 -28.10
C SER B 116 11.12 33.44 -29.01
N GLU B 117 11.87 32.35 -28.72
CA GLU B 117 13.04 31.93 -29.53
C GLU B 117 13.44 30.37 -29.36
N VAL B 120 12.56 25.07 -25.87
CA VAL B 120 12.14 23.84 -26.56
C VAL B 120 12.39 22.57 -25.72
N ALA B 121 13.62 22.39 -25.26
CA ALA B 121 13.99 21.19 -24.49
C ALA B 121 13.33 21.15 -23.09
N SER B 122 13.08 19.93 -22.61
CA SER B 122 12.50 19.68 -21.30
C SER B 122 13.16 20.48 -20.16
N ASP B 123 14.49 20.49 -20.05
CA ASP B 123 15.19 21.28 -19.00
C ASP B 123 14.77 22.77 -18.94
N MET B 124 14.52 23.37 -20.09
CA MET B 124 14.11 24.75 -20.13
C MET B 124 12.69 24.89 -19.57
N TYR B 125 11.78 24.01 -20.01
CA TYR B 125 10.41 24.05 -19.49
C TYR B 125 10.47 23.81 -17.99
N CYS B 126 11.28 22.83 -17.57
CA CYS B 126 11.34 22.43 -16.15
C CYS B 126 11.96 23.49 -15.24
N LEU B 127 12.91 24.29 -15.74
CA LEU B 127 13.46 25.37 -14.93
C LEU B 127 12.40 26.45 -14.62
N VAL B 128 11.67 26.89 -15.63
CA VAL B 128 10.56 27.81 -15.43
C VAL B 128 9.58 27.22 -14.39
N GLY B 129 9.21 25.96 -14.57
CA GLY B 129 8.32 25.26 -13.63
C GLY B 129 8.90 25.25 -12.22
N ARG B 130 10.21 25.01 -12.12
CA ARG B 130 10.89 25.09 -10.81
C ARG B 130 10.89 26.48 -10.15
N ILE B 131 10.93 27.54 -10.93
CA ILE B 131 10.91 28.87 -10.36
C ILE B 131 9.52 29.11 -9.70
N TYR B 132 8.45 28.73 -10.39
CA TYR B 132 7.12 28.77 -9.83
C TYR B 132 6.95 27.85 -8.62
N LYS B 133 7.36 26.60 -8.75
CA LYS B 133 7.41 25.63 -7.64
C LYS B 133 8.08 26.22 -6.41
N ASP B 134 9.23 26.85 -6.61
CA ASP B 134 9.99 27.45 -5.51
C ASP B 134 9.28 28.67 -4.90
N MET B 135 8.68 29.51 -5.75
CA MET B 135 7.84 30.60 -5.27
C MET B 135 6.70 30.09 -4.40
N PHE B 136 6.08 28.98 -4.82
CA PHE B 136 5.03 28.32 -4.04
C PHE B 136 5.52 27.79 -2.70
N LEU B 137 6.58 26.99 -2.72
CA LEU B 137 7.15 26.43 -1.50
C LEU B 137 7.63 27.56 -0.57
N ASP B 138 8.35 28.54 -1.11
CA ASP B 138 8.93 29.60 -0.32
C ASP B 138 7.91 30.59 0.24
N SER B 139 6.69 30.60 -0.31
CA SER B 139 5.57 31.36 0.24
C SER B 139 4.84 30.65 1.38
N ASN B 140 5.38 29.53 1.86
CA ASN B 140 4.70 28.70 2.88
C ASN B 140 3.37 28.14 2.34
N PHE B 141 3.41 27.70 1.09
CA PHE B 141 2.23 27.19 0.36
C PHE B 141 1.03 28.10 0.22
N THR B 142 1.23 29.40 0.32
CA THR B 142 0.15 30.38 0.11
C THR B 142 0.02 30.84 -1.34
N ASP B 143 1.12 30.85 -2.09
CA ASP B 143 1.08 31.33 -3.48
C ASP B 143 0.52 30.24 -4.42
N THR B 144 -0.80 30.07 -4.35
CA THR B 144 -1.52 29.14 -5.21
C THR B 144 -1.50 29.51 -6.73
N GLU B 145 -1.33 30.80 -7.08
CA GLU B 145 -1.14 31.15 -8.53
C GLU B 145 0.20 30.62 -9.04
N SER B 146 1.24 30.76 -8.23
CA SER B 146 2.56 30.23 -8.62
C SER B 146 2.52 28.72 -8.73
N ARG B 147 1.76 28.09 -7.83
CA ARG B 147 1.52 26.65 -7.91
C ARG B 147 0.92 26.25 -9.26
N ASP B 148 -0.13 26.95 -9.64
CA ASP B 148 -0.82 26.64 -10.88
C ASP B 148 0.01 26.93 -12.13
N HIS B 149 0.77 28.02 -12.11
CA HIS B 149 1.70 28.32 -13.21
C HIS B 149 2.79 27.25 -13.28
N GLY B 150 3.30 26.80 -12.13
CA GLY B 150 4.28 25.74 -12.12
C GLY B 150 3.73 24.45 -12.72
N ALA B 151 2.53 24.07 -12.30
CA ALA B 151 1.83 22.92 -12.88
C ALA B 151 1.75 23.02 -14.41
N SER B 152 1.33 24.18 -14.95
CA SER B 152 1.18 24.34 -16.41
C SER B 152 2.50 24.12 -17.12
N TRP B 153 3.58 24.71 -16.62
CA TRP B 153 4.89 24.57 -17.26
C TRP B 153 5.40 23.13 -17.27
N PHE B 154 5.34 22.46 -16.12
CA PHE B 154 5.66 21.03 -16.07
C PHE B 154 4.74 20.16 -16.96
N LYS B 155 3.45 20.49 -17.01
CA LYS B 155 2.50 19.81 -17.89
C LYS B 155 2.96 19.89 -19.35
N LYS B 156 3.29 21.10 -19.80
CA LYS B 156 3.74 21.31 -21.20
C LYS B 156 4.99 20.47 -21.51
N ALA B 157 5.96 20.52 -20.60
CA ALA B 157 7.12 19.65 -20.68
C ALA B 157 6.72 18.18 -20.83
N PHE B 158 5.84 17.74 -19.94
CA PHE B 158 5.44 16.33 -19.85
C PHE B 158 4.75 15.84 -21.14
N GLU B 159 3.93 16.69 -21.71
CA GLU B 159 3.24 16.36 -22.95
C GLU B 159 4.16 16.53 -24.19
N SER B 160 5.11 17.45 -24.12
CA SER B 160 6.07 17.71 -25.19
C SER B 160 7.14 16.63 -25.24
N GLU B 161 7.66 16.24 -24.08
CA GLU B 161 8.67 15.20 -23.99
C GLU B 161 8.59 14.55 -22.61
N PRO B 162 7.80 13.46 -22.48
CA PRO B 162 7.53 12.82 -21.18
C PRO B 162 8.81 12.32 -20.51
N THR B 163 9.08 12.81 -19.31
CA THR B 163 10.20 12.36 -18.48
C THR B 163 9.68 12.24 -17.04
N LEU B 164 10.41 11.51 -16.21
CA LEU B 164 10.03 11.39 -14.82
C LEU B 164 10.07 12.74 -14.12
N GLN B 165 11.08 13.51 -14.43
CA GLN B 165 11.26 14.82 -13.80
C GLN B 165 10.03 15.73 -13.92
N SER B 166 9.58 15.98 -15.15
CA SER B 166 8.41 16.83 -15.41
C SER B 166 7.13 16.16 -14.89
N GLY B 167 7.06 14.84 -15.02
CA GLY B 167 5.91 14.07 -14.61
C GLY B 167 5.69 14.10 -13.11
N ILE B 168 6.76 13.84 -12.35
CA ILE B 168 6.64 13.88 -10.87
C ILE B 168 6.34 15.30 -10.37
N ASN B 169 6.98 16.30 -10.96
CA ASN B 169 6.70 17.69 -10.56
C ASN B 169 5.27 18.17 -10.90
N TYR B 170 4.76 17.70 -12.05
CA TYR B 170 3.40 17.99 -12.46
C TYR B 170 2.42 17.38 -11.46
N ALA B 171 2.61 16.09 -11.18
CA ALA B 171 1.73 15.36 -10.25
C ALA B 171 1.72 16.00 -8.90
N VAL B 172 2.89 16.34 -8.38
CA VAL B 172 3.00 16.94 -7.05
C VAL B 172 2.20 18.26 -6.95
N LEU B 173 2.25 19.06 -8.00
CA LEU B 173 1.53 20.33 -7.98
C LEU B 173 0.02 20.15 -8.17
N LEU B 174 -0.39 19.16 -8.94
CA LEU B 174 -1.81 18.72 -8.92
C LEU B 174 -2.22 18.23 -7.53
N LEU B 175 -1.39 17.42 -6.88
CA LEU B 175 -1.65 17.01 -5.48
C LEU B 175 -1.83 18.24 -4.57
N ALA B 176 -0.94 19.23 -4.71
CA ALA B 176 -1.08 20.47 -3.93
C ALA B 176 -2.34 21.29 -4.27
N ALA B 177 -2.84 21.18 -5.50
CA ALA B 177 -4.07 21.86 -5.92
C ALA B 177 -5.36 21.09 -5.60
N GLY B 178 -5.26 19.96 -4.91
CA GLY B 178 -6.42 19.25 -4.43
C GLY B 178 -6.87 18.04 -5.24
N HIS B 179 -6.05 17.59 -6.20
CA HIS B 179 -6.32 16.33 -6.90
C HIS B 179 -5.87 15.17 -5.98
N GLN B 180 -6.54 14.01 -6.01
CA GLN B 180 -6.04 12.82 -5.26
C GLN B 180 -5.97 11.56 -6.14
N PHE B 181 -4.94 10.73 -5.92
CA PHE B 181 -4.63 9.59 -6.82
C PHE B 181 -5.74 8.52 -6.86
N GLU B 182 -6.64 8.51 -5.87
CA GLU B 182 -7.74 7.55 -5.77
C GLU B 182 -9.05 8.10 -6.35
N SER B 183 -9.09 9.39 -6.71
CA SER B 183 -10.33 10.03 -7.18
C SER B 183 -10.19 11.02 -8.36
N SER B 184 -9.08 10.97 -9.10
N SER B 184 -9.05 11.01 -9.06
CA SER B 184 -8.82 11.96 -10.12
CA SER B 184 -8.70 12.04 -10.06
C SER B 184 -7.92 11.49 -11.26
C SER B 184 -7.92 11.49 -11.26
N PHE B 185 -8.09 12.12 -12.42
CA PHE B 185 -7.20 11.98 -13.58
C PHE B 185 -7.27 13.40 -14.18
N GLU B 186 -6.20 14.12 -14.56
CA GLU B 186 -4.83 13.66 -14.88
C GLU B 186 -4.04 12.82 -13.89
N LEU B 187 -4.31 12.91 -12.60
CA LEU B 187 -3.43 12.33 -11.60
C LEU B 187 -3.17 10.81 -11.77
N ARG B 188 -4.21 10.01 -11.99
CA ARG B 188 -3.97 8.58 -12.37
C ARG B 188 -3.34 8.40 -13.77
N LYS B 189 -3.73 9.28 -14.70
CA LYS B 189 -3.20 9.35 -16.07
C LYS B 189 -1.69 9.64 -16.06
N VAL B 190 -1.27 10.60 -15.24
CA VAL B 190 0.13 10.93 -15.11
C VAL B 190 0.77 9.72 -14.51
N GLY B 191 0.07 9.07 -13.58
CA GLY B 191 0.51 7.83 -12.95
C GLY B 191 0.79 6.70 -13.92
N VAL B 192 -0.07 6.51 -14.91
CA VAL B 192 0.18 5.49 -15.93
C VAL B 192 1.46 5.76 -16.73
N LYS B 193 1.63 6.98 -17.17
CA LYS B 193 2.76 7.39 -17.99
C LYS B 193 4.08 7.30 -17.20
N LEU B 194 4.04 7.71 -15.93
CA LEU B 194 5.12 7.50 -15.01
C LEU B 194 5.52 6.03 -14.85
N SER B 195 4.54 5.12 -14.82
CA SER B 195 4.82 3.68 -14.71
C SER B 195 5.52 3.10 -15.96
N SER B 196 5.18 3.59 -17.16
CA SER B 196 5.85 3.14 -18.39
C SER B 196 7.21 3.78 -18.58
N LEU B 197 7.38 5.02 -18.14
CA LEU B 197 8.71 5.62 -18.10
C LEU B 197 9.60 4.83 -17.14
N LEU B 198 9.10 4.50 -15.95
CA LEU B 198 9.87 3.62 -15.04
C LEU B 198 10.20 2.31 -15.70
N GLY B 199 9.24 1.72 -16.42
CA GLY B 199 9.51 0.51 -17.19
C GLY B 199 10.64 0.68 -18.20
N LYS B 200 10.64 1.80 -18.92
CA LYS B 200 11.71 2.12 -19.88
C LYS B 200 13.08 2.16 -19.22
N LYS B 201 13.16 2.77 -18.04
CA LYS B 201 14.44 2.94 -17.33
C LYS B 201 15.00 1.63 -16.79
N GLY B 202 14.13 0.69 -16.43
CA GLY B 202 14.55 -0.64 -15.98
C GLY B 202 14.91 -0.66 -14.50
N ASN B 203 15.55 -1.74 -14.08
CA ASN B 203 15.90 -1.99 -12.67
C ASN B 203 16.86 -0.92 -12.09
N LEU B 204 16.63 -0.53 -10.83
CA LEU B 204 17.49 0.42 -10.11
C LEU B 204 18.98 0.02 -10.10
N GLU B 205 19.28 -1.27 -10.04
CA GLU B 205 20.67 -1.77 -10.05
C GLU B 205 21.49 -1.33 -11.27
N LYS B 206 20.80 -1.10 -12.39
CA LYS B 206 21.45 -0.66 -13.63
C LYS B 206 21.46 0.85 -13.82
N LEU B 207 20.76 1.60 -12.97
CA LEU B 207 20.81 3.06 -13.01
C LEU B 207 21.97 3.57 -12.13
N GLN B 208 22.99 4.14 -12.77
CA GLN B 208 24.24 4.53 -12.09
C GLN B 208 24.42 6.05 -11.93
N SER B 209 23.95 6.86 -12.89
CA SER B 209 24.02 8.31 -12.77
C SER B 209 23.10 8.77 -11.64
N TYR B 210 23.59 9.66 -10.78
CA TYR B 210 22.74 10.24 -9.72
C TYR B 210 21.43 10.84 -10.21
N TRP B 211 21.42 11.41 -11.41
CA TRP B 211 20.22 12.09 -11.90
C TRP B 211 19.11 11.11 -12.28
N GLU B 212 19.49 9.93 -12.78
CA GLU B 212 18.55 8.85 -13.02
C GLU B 212 18.01 8.29 -11.71
N VAL B 213 18.88 8.11 -10.72
CA VAL B 213 18.46 7.58 -9.43
C VAL B 213 17.51 8.57 -8.71
N GLY B 214 17.86 9.85 -8.74
CA GLY B 214 17.01 10.85 -8.14
C GLY B 214 15.59 10.87 -8.68
N PHE B 215 15.44 10.80 -10.02
CA PHE B 215 14.08 10.82 -10.59
C PHE B 215 13.35 9.51 -10.38
N PHE B 216 14.09 8.40 -10.40
CA PHE B 216 13.52 7.09 -9.98
C PHE B 216 12.97 7.17 -8.53
N LEU B 217 13.69 7.84 -7.66
CA LEU B 217 13.31 8.01 -6.28
C LEU B 217 12.00 8.73 -6.20
N GLY B 218 11.93 9.85 -6.92
CA GLY B 218 10.74 10.68 -6.88
C GLY B 218 9.51 9.99 -7.35
N ALA B 219 9.62 9.21 -8.42
CA ALA B 219 8.45 8.52 -8.96
C ALA B 219 8.09 7.39 -8.01
N SER B 220 9.09 6.79 -7.36
CA SER B 220 8.83 5.76 -6.34
C SER B 220 8.10 6.31 -5.12
N VAL B 221 8.51 7.49 -4.67
CA VAL B 221 7.77 8.23 -3.63
C VAL B 221 6.29 8.45 -4.05
N LEU B 222 6.09 9.08 -5.22
CA LEU B 222 4.73 9.28 -5.74
C LEU B 222 3.92 7.97 -5.82
N ALA B 223 4.58 6.86 -6.15
CA ALA B 223 3.91 5.59 -6.28
C ALA B 223 3.61 4.96 -4.92
N ASN B 224 4.11 5.56 -3.83
CA ASN B 224 4.09 4.94 -2.50
C ASN B 224 4.83 3.58 -2.46
N ASP B 225 5.91 3.43 -3.22
CA ASP B 225 6.65 2.15 -3.31
C ASP B 225 7.82 2.05 -2.29
N HIS B 226 7.53 1.51 -1.14
CA HIS B 226 8.43 1.68 0.00
C HIS B 226 9.85 1.13 -0.19
N MET B 227 9.96 -0.12 -0.63
CA MET B 227 11.25 -0.78 -0.83
C MET B 227 12.11 -0.05 -1.86
N ARG B 228 11.51 0.37 -2.97
CA ARG B 228 12.26 1.17 -3.96
C ARG B 228 12.73 2.53 -3.42
N VAL B 229 11.89 3.21 -2.62
CA VAL B 229 12.27 4.48 -1.99
C VAL B 229 13.48 4.28 -1.10
N ILE B 230 13.43 3.27 -0.23
CA ILE B 230 14.52 2.95 0.67
C ILE B 230 15.79 2.63 -0.15
N GLN B 231 15.66 1.72 -1.12
CA GLN B 231 16.77 1.37 -2.04
C GLN B 231 17.32 2.56 -2.81
N ALA B 232 16.43 3.38 -3.38
CA ALA B 232 16.93 4.50 -4.20
C ALA B 232 17.54 5.60 -3.30
N SER B 233 16.96 5.82 -2.12
CA SER B 233 17.54 6.81 -1.21
C SER B 233 19.01 6.47 -0.84
N GLU B 234 19.23 5.22 -0.46
CA GLU B 234 20.57 4.69 -0.18
C GLU B 234 21.52 4.81 -1.38
N LYS B 235 21.00 4.49 -2.56
CA LYS B 235 21.81 4.65 -3.75
C LYS B 235 22.23 6.13 -3.95
N LEU B 236 21.30 7.06 -3.73
CA LEU B 236 21.59 8.50 -3.83
C LEU B 236 22.71 8.94 -2.85
N PHE B 237 22.72 8.31 -1.66
CA PHE B 237 23.76 8.52 -0.67
C PHE B 237 25.11 8.02 -1.16
N LYS B 238 25.18 6.73 -1.53
CA LYS B 238 26.44 6.13 -2.01
C LYS B 238 27.02 6.89 -3.20
N LEU B 239 26.17 7.37 -4.10
CA LEU B 239 26.64 8.13 -5.30
C LEU B 239 27.20 9.52 -5.07
N LYS B 240 27.16 10.06 -3.85
CA LYS B 240 27.73 11.41 -3.62
C LYS B 240 27.09 12.47 -4.55
N THR B 241 25.77 12.40 -4.57
CA THR B 241 24.90 13.24 -5.34
C THR B 241 25.19 14.72 -5.04
N PRO B 242 25.33 15.56 -6.07
CA PRO B 242 25.56 17.00 -5.78
C PRO B 242 24.38 17.67 -5.07
N ALA B 243 24.74 18.58 -4.17
CA ALA B 243 23.78 19.31 -3.31
C ALA B 243 22.79 20.06 -4.13
N TRP B 244 23.26 20.76 -5.18
CA TRP B 244 22.32 21.49 -6.08
C TRP B 244 21.21 20.56 -6.53
N TYR B 245 21.56 19.30 -6.86
CA TYR B 245 20.57 18.40 -7.41
C TYR B 245 19.65 17.81 -6.37
N LEU B 246 20.23 17.35 -5.26
CA LEU B 246 19.46 16.78 -4.19
C LEU B 246 18.44 17.80 -3.66
N LYS B 247 18.82 19.07 -3.63
CA LYS B 247 17.92 20.15 -3.27
C LYS B 247 16.59 20.07 -4.01
N SER B 248 16.63 19.94 -5.33
CA SER B 248 15.39 19.99 -6.13
C SER B 248 14.51 18.78 -5.91
N ILE B 249 15.12 17.59 -5.85
CA ILE B 249 14.40 16.37 -5.45
C ILE B 249 13.74 16.54 -4.06
N VAL B 250 14.49 17.07 -3.11
CA VAL B 250 13.96 17.23 -1.73
C VAL B 250 12.73 18.15 -1.73
N GLU B 251 12.81 19.25 -2.47
CA GLU B 251 11.71 20.19 -2.58
C GLU B 251 10.46 19.52 -3.09
N THR B 252 10.63 18.66 -4.08
CA THR B 252 9.52 17.93 -4.63
C THR B 252 8.89 17.03 -3.58
N ILE B 253 9.73 16.35 -2.79
CA ILE B 253 9.26 15.45 -1.74
C ILE B 253 8.58 16.16 -0.57
N LEU B 254 9.07 17.35 -0.20
CA LEU B 254 8.44 18.11 0.87
C LEU B 254 7.02 18.50 0.50
N ILE B 255 6.79 18.86 -0.77
CA ILE B 255 5.46 19.29 -1.22
C ILE B 255 4.51 18.12 -1.26
N TYR B 256 5.00 16.99 -1.77
CA TYR B 256 4.31 15.70 -1.73
C TYR B 256 3.87 15.32 -0.32
N LYS B 257 4.83 15.33 0.61
CA LYS B 257 4.55 14.93 2.00
C LYS B 257 3.57 15.90 2.66
N HIS B 258 3.64 17.19 2.33
CA HIS B 258 2.69 18.17 2.92
C HIS B 258 1.25 17.93 2.49
N PHE B 259 1.05 17.47 1.25
CA PHE B 259 -0.28 17.38 0.67
C PHE B 259 -0.85 15.99 0.49
N VAL B 260 -0.03 14.95 0.40
CA VAL B 260 -0.60 13.61 0.22
C VAL B 260 -1.53 13.23 1.41
N LYS B 261 -2.66 12.60 1.11
CA LYS B 261 -3.65 12.22 2.12
C LYS B 261 -3.13 11.10 3.03
N PRO B 267 0.09 2.13 9.53
CA PRO B 267 1.47 2.04 9.02
C PRO B 267 1.72 0.84 8.13
N VAL B 268 2.81 0.90 7.36
CA VAL B 268 3.41 -0.27 6.73
C VAL B 268 4.71 -0.58 7.47
N ALA B 269 4.99 -1.88 7.68
CA ALA B 269 6.11 -2.36 8.51
C ALA B 269 7.51 -1.78 8.18
N LYS B 270 7.70 -1.21 6.98
CA LYS B 270 8.94 -0.53 6.65
C LYS B 270 8.86 1.00 6.68
N GLN B 271 7.78 1.53 7.25
CA GLN B 271 7.56 2.98 7.35
C GLN B 271 8.75 3.65 8.04
N GLU B 272 9.27 2.99 9.07
CA GLU B 272 10.41 3.50 9.84
C GLU B 272 11.63 3.80 9.00
N LEU B 273 11.92 2.91 8.03
CA LEU B 273 13.06 3.12 7.15
C LEU B 273 12.77 4.16 6.08
N VAL B 274 11.51 4.26 5.64
CA VAL B 274 11.14 5.36 4.75
C VAL B 274 11.27 6.71 5.51
N ASP B 275 10.80 6.77 6.75
CA ASP B 275 10.93 8.01 7.54
C ASP B 275 12.41 8.38 7.73
N PHE B 276 13.25 7.39 8.06
CA PHE B 276 14.69 7.63 8.19
C PHE B 276 15.27 8.28 6.93
N TRP B 277 15.01 7.67 5.78
CA TRP B 277 15.62 8.13 4.51
C TRP B 277 15.12 9.51 4.06
N MET B 278 13.85 9.78 4.30
CA MET B 278 13.31 11.12 4.06
C MET B 278 14.01 12.12 5.01
N ASP B 279 14.19 11.75 6.26
CA ASP B 279 14.88 12.58 7.23
C ASP B 279 16.37 12.78 6.83
N PHE B 280 17.03 11.72 6.39
CA PHE B 280 18.44 11.78 5.97
C PHE B 280 18.58 12.72 4.79
N LEU B 281 17.78 12.53 3.76
CA LEU B 281 17.96 13.33 2.54
C LEU B 281 17.56 14.83 2.73
N VAL B 282 16.52 15.08 3.52
CA VAL B 282 16.14 16.46 3.90
C VAL B 282 17.26 17.12 4.76
N GLU B 283 17.80 16.39 5.74
CA GLU B 283 18.89 16.91 6.57
C GLU B 283 20.13 17.25 5.74
N ALA B 284 20.33 16.47 4.66
CA ALA B 284 21.45 16.63 3.74
C ALA B 284 21.45 17.93 2.94
N THR B 285 20.27 18.58 2.85
CA THR B 285 20.17 19.87 2.17
C THR B 285 20.33 21.01 3.17
N LYS B 286 20.46 20.73 4.46
CA LYS B 286 20.70 21.80 5.44
C LYS B 286 22.19 22.20 5.43
N THR B 287 22.42 23.51 5.38
CA THR B 287 23.78 24.10 5.47
C THR B 287 24.06 24.66 6.86
N ASP B 288 23.00 24.90 7.64
CA ASP B 288 23.10 25.25 9.03
C ASP B 288 22.73 23.96 9.79
N VAL B 289 23.63 23.44 10.63
CA VAL B 289 23.37 22.23 11.37
C VAL B 289 22.85 22.60 12.76
N THR B 290 21.60 22.25 13.06
CA THR B 290 20.93 22.63 14.33
C THR B 290 20.35 21.44 15.13
N VAL B 291 20.64 20.21 14.72
CA VAL B 291 19.83 19.04 15.14
C VAL B 291 20.19 18.42 16.51
N VAL B 292 19.15 18.06 17.25
CA VAL B 292 19.27 17.33 18.52
C VAL B 292 19.85 15.92 18.27
N ARG B 293 19.58 15.36 17.09
CA ARG B 293 20.03 14.05 16.72
C ARG B 293 20.29 13.96 15.21
N PHE B 294 21.11 13.00 14.83
CA PHE B 294 21.65 12.87 13.48
C PHE B 294 21.17 11.57 12.91
N PRO B 295 20.61 11.61 11.69
CA PRO B 295 20.39 10.36 10.95
C PRO B 295 21.71 10.00 10.30
N VAL B 296 22.16 8.78 10.55
CA VAL B 296 23.48 8.35 10.16
C VAL B 296 23.39 6.91 9.62
N LEU B 297 24.42 6.52 8.91
CA LEU B 297 24.61 5.13 8.43
C LEU B 297 25.87 4.59 9.06
N ILE B 298 25.74 3.56 9.88
CA ILE B 298 26.90 2.89 10.44
C ILE B 298 27.32 1.85 9.40
N LEU B 299 28.54 1.97 8.87
CA LEU B 299 29.08 0.97 7.99
C LEU B 299 29.51 -0.27 8.82
N GLU B 300 28.75 -1.36 8.70
CA GLU B 300 29.03 -2.65 9.35
C GLU B 300 30.17 -3.39 8.63
N PRO B 301 30.85 -4.33 9.33
CA PRO B 301 31.90 -5.13 8.70
C PRO B 301 31.39 -6.01 7.57
N THR B 302 30.10 -6.37 7.60
CA THR B 302 29.43 -6.97 6.43
C THR B 302 29.39 -6.07 5.17
N LYS B 303 29.76 -4.78 5.32
CA LYS B 303 29.79 -3.79 4.22
C LYS B 303 28.41 -3.25 3.86
N ILE B 304 27.49 -3.45 4.79
CA ILE B 304 26.14 -2.97 4.66
C ILE B 304 26.08 -1.70 5.48
N TYR B 305 25.47 -0.65 4.93
CA TYR B 305 25.15 0.57 5.70
C TYR B 305 23.86 0.34 6.49
N GLN B 306 23.92 0.58 7.80
CA GLN B 306 22.81 0.31 8.70
C GLN B 306 22.21 1.63 9.13
N PRO B 307 20.97 1.90 8.73
CA PRO B 307 20.35 3.16 9.20
C PRO B 307 20.28 3.25 10.73
N SER B 308 20.67 4.41 11.27
CA SER B 308 20.76 4.62 12.70
C SER B 308 20.53 6.06 13.06
N TYR B 309 20.28 6.30 14.35
CA TYR B 309 20.26 7.64 14.90
C TYR B 309 21.32 7.76 15.95
N LEU B 310 21.86 8.98 16.04
CA LEU B 310 22.85 9.29 17.03
C LEU B 310 22.56 10.64 17.69
N SER B 311 22.79 10.68 19.00
CA SER B 311 22.73 11.97 19.72
C SER B 311 23.77 12.12 20.81
N ILE B 312 24.12 13.39 21.03
CA ILE B 312 25.02 13.84 22.07
C ILE B 312 24.07 14.41 23.13
N ASN B 313 24.03 13.81 24.32
CA ASN B 313 23.03 14.13 25.35
C ASN B 313 23.60 14.90 26.53
N ASN B 314 22.85 15.91 26.96
CA ASN B 314 23.15 16.70 28.14
C ASN B 314 22.72 15.97 29.41
N GLU B 315 23.34 14.82 29.69
CA GLU B 315 22.94 14.00 30.83
C GLU B 315 23.63 14.50 32.13
N VAL B 316 22.92 14.42 33.27
CA VAL B 316 23.46 14.83 34.58
C VAL B 316 24.70 14.01 34.93
N GLU B 317 25.64 14.65 35.61
CA GLU B 317 26.89 14.05 36.07
C GLU B 317 27.89 13.91 34.94
N GLU B 318 27.51 13.24 33.84
CA GLU B 318 28.31 13.29 32.64
C GLU B 318 27.60 13.02 31.33
N LYS B 319 28.20 13.57 30.29
CA LYS B 319 27.52 13.63 29.02
C LYS B 319 27.67 12.26 28.36
N THR B 320 26.75 11.96 27.45
CA THR B 320 26.72 10.66 26.82
C THR B 320 26.45 10.77 25.33
N ILE B 321 26.84 9.71 24.64
CA ILE B 321 26.56 9.49 23.24
C ILE B 321 25.61 8.30 23.17
N SER B 322 24.46 8.51 22.50
CA SER B 322 23.47 7.47 22.22
CA SER B 322 23.50 7.44 22.23
C SER B 322 23.47 7.15 20.75
N ILE B 323 23.43 5.86 20.42
CA ILE B 323 23.47 5.34 19.06
CA ILE B 323 23.43 5.36 19.05
C ILE B 323 22.45 4.23 19.02
N TRP B 324 21.55 4.26 18.05
CA TRP B 324 20.63 3.15 17.88
C TRP B 324 20.21 2.86 16.43
N HIS B 325 20.10 1.57 16.10
CA HIS B 325 19.69 1.12 14.76
C HIS B 325 18.20 1.37 14.52
N VAL B 326 17.85 1.87 13.34
CA VAL B 326 16.45 1.91 12.88
C VAL B 326 16.14 0.58 12.19
N LEU B 327 15.08 -0.08 12.64
CA LEU B 327 14.55 -1.32 12.04
C LEU B 327 15.64 -2.26 11.43
N PRO B 328 16.51 -2.86 12.28
CA PRO B 328 17.50 -3.82 11.77
C PRO B 328 16.81 -5.07 11.21
N ASP B 329 17.28 -5.57 10.06
CA ASP B 329 16.71 -6.77 9.46
C ASP B 329 16.79 -7.90 10.45
N ASP B 330 17.98 -8.10 11.00
CA ASP B 330 18.21 -9.11 12.03
C ASP B 330 17.93 -8.43 13.37
N LYS B 331 16.76 -8.75 13.95
CA LYS B 331 16.31 -8.06 15.17
C LYS B 331 17.04 -8.61 16.40
N LYS B 332 17.83 -9.66 16.24
CA LYS B 332 18.58 -10.24 17.35
C LYS B 332 19.94 -9.56 17.49
N GLY B 333 20.39 -9.48 18.74
CA GLY B 333 21.70 -8.94 19.08
C GLY B 333 21.52 -7.53 19.58
N ILE B 334 22.66 -6.83 19.65
CA ILE B 334 22.71 -5.50 20.24
C ILE B 334 22.56 -4.46 19.13
N HIS B 335 21.59 -3.58 19.31
CA HIS B 335 21.29 -2.52 18.35
C HIS B 335 21.16 -1.15 18.99
N GLU B 336 21.55 -1.04 20.26
CA GLU B 336 21.49 0.20 21.02
C GLU B 336 22.72 0.29 21.94
N TRP B 337 23.34 1.46 21.94
CA TRP B 337 24.51 1.77 22.77
C TRP B 337 24.31 3.14 23.44
N ASN B 338 24.86 3.27 24.62
CA ASN B 338 24.90 4.52 25.35
C ASN B 338 26.28 4.61 25.97
N PHE B 339 27.11 5.54 25.53
CA PHE B 339 28.48 5.63 26.01
C PHE B 339 28.63 6.88 26.87
N SER B 340 29.15 6.72 28.11
CA SER B 340 29.50 7.88 28.90
C SER B 340 30.76 8.53 28.35
N ALA B 341 30.94 9.82 28.64
CA ALA B 341 32.11 10.55 28.18
C ALA B 341 33.45 9.85 28.49
N SER B 342 33.59 9.33 29.71
CA SER B 342 34.80 8.57 30.08
C SER B 342 34.98 7.27 29.28
N SER B 343 33.89 6.70 28.76
CA SER B 343 33.93 5.54 27.85
C SER B 343 34.46 5.79 26.42
N VAL B 344 34.55 7.04 26.02
CA VAL B 344 34.97 7.38 24.67
C VAL B 344 36.51 7.61 24.63
N ARG B 345 37.22 6.82 23.81
CA ARG B 345 38.64 7.09 23.53
C ARG B 345 38.78 8.36 22.69
N GLY B 346 38.09 8.39 21.56
CA GLY B 346 38.09 9.58 20.71
C GLY B 346 37.35 9.40 19.40
N VAL B 347 37.65 10.31 18.49
CA VAL B 347 37.03 10.39 17.17
C VAL B 347 38.10 10.78 16.19
N SER B 348 37.96 10.29 14.95
CA SER B 348 38.80 10.67 13.85
C SER B 348 37.96 10.69 12.57
N ILE B 349 38.01 11.78 11.83
CA ILE B 349 37.36 11.86 10.50
C ILE B 349 38.17 10.98 9.53
N SER B 350 37.44 10.18 8.77
CA SER B 350 38.02 9.28 7.80
C SER B 350 38.98 10.02 6.90
N LYS B 351 40.16 9.46 6.72
CA LYS B 351 41.12 10.01 5.77
C LYS B 351 40.61 9.93 4.33
N PHE B 352 39.64 9.05 4.05
CA PHE B 352 39.19 8.81 2.67
C PHE B 352 37.77 9.24 2.35
N GLU B 353 36.92 9.36 3.37
CA GLU B 353 35.50 9.66 3.18
C GLU B 353 35.11 10.76 4.18
N GLU B 354 35.11 12.01 3.73
CA GLU B 354 34.83 13.17 4.60
C GLU B 354 33.43 13.21 5.23
N ARG B 355 32.52 12.33 4.79
CA ARG B 355 31.26 12.18 5.49
C ARG B 355 31.36 11.21 6.69
N CYS B 356 32.51 10.56 6.87
CA CYS B 356 32.59 9.45 7.79
C CYS B 356 33.36 9.92 9.03
N CYS B 357 32.84 9.61 10.23
CA CYS B 357 33.65 9.73 11.44
C CYS B 357 33.76 8.38 12.15
N PHE B 358 34.99 8.02 12.50
CA PHE B 358 35.30 6.89 13.37
C PHE B 358 35.08 7.31 14.80
N LEU B 359 34.45 6.43 15.59
CA LEU B 359 34.25 6.65 17.02
C LEU B 359 34.91 5.47 17.73
N TYR B 360 35.83 5.75 18.64
CA TYR B 360 36.53 4.69 19.35
C TYR B 360 36.07 4.67 20.81
N VAL B 361 35.65 3.49 21.28
CA VAL B 361 35.17 3.33 22.66
C VAL B 361 35.85 2.21 23.36
N LEU B 362 35.89 2.32 24.68
CA LEU B 362 36.64 1.38 25.51
C LEU B 362 35.94 0.02 25.63
N HIS B 363 36.73 -1.05 25.73
CA HIS B 363 36.23 -2.44 25.75
C HIS B 363 35.34 -2.81 24.53
N ASN B 364 35.73 -2.27 23.38
CA ASN B 364 35.11 -2.55 22.08
C ASN B 364 36.26 -2.61 21.09
N SER B 365 36.72 -3.82 20.81
CA SER B 365 37.86 -4.07 19.93
C SER B 365 37.67 -3.54 18.50
N ASP B 366 36.41 -3.47 18.06
CA ASP B 366 36.03 -2.82 16.79
C ASP B 366 35.80 -1.33 17.06
N ASP B 367 35.26 -0.62 16.09
CA ASP B 367 35.01 0.82 16.18
C ASP B 367 33.60 1.03 15.68
N PHE B 368 33.16 2.28 15.60
CA PHE B 368 31.96 2.62 14.85
C PHE B 368 32.43 3.51 13.72
N GLN B 369 32.14 3.10 12.48
CA GLN B 369 32.41 3.92 11.30
C GLN B 369 31.13 4.61 10.88
N ILE B 370 30.99 5.88 11.25
CA ILE B 370 29.69 6.53 11.22
C ILE B 370 29.66 7.53 10.06
N TYR B 371 28.68 7.36 9.18
CA TYR B 371 28.56 8.14 7.97
C TYR B 371 27.38 9.08 8.12
N PHE B 372 27.63 10.37 7.90
CA PHE B 372 26.66 11.46 8.03
C PHE B 372 26.14 11.95 6.66
N CYS B 373 25.10 12.77 6.68
CA CYS B 373 24.44 13.17 5.45
C CYS B 373 25.22 14.23 4.68
N THR B 374 26.04 15.01 5.37
CA THR B 374 27.00 15.91 4.71
C THR B 374 28.30 15.92 5.45
N GLU B 375 29.32 16.47 4.80
CA GLU B 375 30.62 16.74 5.42
C GLU B 375 30.52 17.59 6.69
N LEU B 376 29.73 18.65 6.62
CA LEU B 376 29.59 19.56 7.77
C LEU B 376 28.97 18.84 8.98
N HIS B 377 27.99 17.95 8.75
CA HIS B 377 27.36 17.20 9.84
C HIS B 377 28.36 16.31 10.60
N CYS B 378 29.20 15.63 9.83
CA CYS B 378 30.29 14.85 10.35
C CYS B 378 31.27 15.71 11.15
N LYS B 379 31.64 16.86 10.63
CA LYS B 379 32.55 17.77 11.31
C LYS B 379 31.96 18.29 12.63
N LYS B 380 30.65 18.57 12.66
CA LYS B 380 30.00 19.03 13.90
C LYS B 380 30.11 17.95 14.98
N PHE B 381 29.92 16.69 14.58
CA PHE B 381 29.93 15.53 15.50
C PHE B 381 31.30 15.35 16.11
N PHE B 382 32.31 15.42 15.23
CA PHE B 382 33.71 15.33 15.58
C PHE B 382 34.09 16.34 16.66
N GLU B 383 33.75 17.61 16.38
CA GLU B 383 33.99 18.75 17.30
C GLU B 383 33.28 18.60 18.65
N MET B 384 32.01 18.20 18.63
CA MET B 384 31.25 17.97 19.85
C MET B 384 31.83 16.81 20.71
N VAL B 385 32.29 15.72 20.07
CA VAL B 385 32.90 14.60 20.84
C VAL B 385 34.26 15.02 21.42
N ASN B 386 35.09 15.71 20.64
CA ASN B 386 36.34 16.30 21.17
C ASN B 386 36.04 17.20 22.37
N THR B 387 34.96 17.97 22.32
CA THR B 387 34.60 18.83 23.46
C THR B 387 34.25 18.01 24.70
N ILE B 388 33.44 16.94 24.56
CA ILE B 388 33.08 16.14 25.74
C ILE B 388 34.26 15.29 26.29
N THR B 389 35.23 14.92 25.45
CA THR B 389 36.40 14.15 25.90
C THR B 389 37.58 15.01 26.40
N GLU B 390 37.52 16.33 26.24
CA GLU B 390 38.61 17.22 26.70
C GLU B 390 38.35 17.79 28.08
C1 GOL C . 38.06 -2.24 13.17
O1 GOL C . 38.78 -1.04 13.46
C2 GOL C . 36.97 -2.03 12.12
O2 GOL C . 37.58 -2.03 10.81
C3 GOL C . 35.96 -3.17 12.23
O3 GOL C . 34.85 -2.99 11.35
#